data_2X6I
#
_entry.id   2X6I
#
_cell.length_a   111.470
_cell.length_b   156.220
_cell.length_c   244.240
_cell.angle_alpha   90.00
_cell.angle_beta   90.00
_cell.angle_gamma   90.00
#
_symmetry.space_group_name_H-M   'I 21 21 21'
#
loop_
_entity.id
_entity.type
_entity.pdbx_description
1 polymer 'PHOSPHOTIDYLINOSITOL 3 KINASE 59F'
2 non-polymer 'N-(2,3-DIHYDRO-7,8-DIMETHOXYIMIDAZO[1,2-C] QUINAZOLIN-5-YL)NICOTINAMIDE'
#
_entity_poly.entity_id   1
_entity_poly.type   'polypeptide(L)'
_entity_poly.pdbx_seq_one_letter_code
;GSHMDSEIQMENLVERKHHRLARSERSGISDRDAKPTASIRDQLHTIVYRYPPTYVLSSEEQDLVWKFRFYLSSHKKALT
KFLKCINWKLEDEVTQALWMLANWAPMDVEDALELLSPTFTHPQVRKYAVSRLAQAPDEDLLLYLLQLVQALKYEDPRHI
VHLHGCIFPERDVVRSILDDNGSLLDQSSLSDLSATSSGLHASVIPANQRAASVLAAIKSDKSVSPGSAGGSGSGGQGSV
ALPNPSAPATPGSSSLPCDSNSNALMLAEGISFGSVPANLCTFLIQRACTNATLANYFYWYLSIEVEEVESVRKQDERAH
DMYAMVLKMFLKVLENGNFNLRGIFYNLRKQRRFIDELVKLVKLVAKEPGNRNKKTEKFQKLLAEQDMFKVNFTNFEPIP
FPLDPEIYITKIVPMRTSLFKSALMPAKLTFVTSIAHHEYAAIFKHGDDLRQDQLILQMITLMDKLLRRENLDLKLTPYK
VLATSSKHGFLQYVDSCTVAEVLAREGNIHNFFRKHHPCDNGPYGISAEVMDTYIKSCAGYCVITYLLGVGDRHLDNLLL
TTNGKLFHIDFGYILGRDPKPMPPPMKLSKEMVEAMGGISSEHHHEFRKQCYTAYLHLRRHANVMLNLFSLMVDATVPDI
ALEPDKAVKKVEENLQLGLTDEEAVQHLQSLLDVSITAVMPALVEQIHRFTQYWRK
;
_entity_poly.pdbx_strand_id   A,B
#
# COMPACT_ATOMS: atom_id res chain seq x y z
N ALA A 38 -36.26 9.17 -2.75
CA ALA A 38 -35.14 9.05 -3.71
C ALA A 38 -34.46 7.67 -3.63
N SER A 39 -33.38 7.51 -4.40
CA SER A 39 -32.39 6.41 -4.25
C SER A 39 -31.29 6.86 -3.28
N ILE A 40 -31.02 8.17 -3.25
CA ILE A 40 -30.06 8.78 -2.33
C ILE A 40 -30.68 8.58 -0.95
N ARG A 41 -32.01 8.61 -0.89
CA ARG A 41 -32.79 8.49 0.36
C ARG A 41 -32.47 7.14 1.04
N ASP A 42 -32.31 6.08 0.24
CA ASP A 42 -32.08 4.72 0.74
C ASP A 42 -30.57 4.50 0.86
N GLN A 43 -29.82 5.26 0.07
CA GLN A 43 -28.36 5.12 -0.06
C GLN A 43 -27.76 5.47 1.30
N LEU A 44 -28.43 6.39 1.99
CA LEU A 44 -28.05 6.87 3.31
C LEU A 44 -28.36 5.74 4.26
N HIS A 45 -29.32 4.89 3.87
CA HIS A 45 -29.88 3.85 4.75
C HIS A 45 -29.08 2.56 4.63
N THR A 46 -28.58 2.22 3.43
CA THR A 46 -27.82 0.95 3.23
C THR A 46 -26.54 0.98 4.06
N ILE A 47 -26.05 2.20 4.33
CA ILE A 47 -24.84 2.49 5.11
C ILE A 47 -25.11 2.18 6.61
N VAL A 48 -26.35 2.41 7.03
CA VAL A 48 -26.78 2.38 8.45
C VAL A 48 -27.29 0.98 8.73
N TYR A 49 -27.92 0.39 7.72
CA TYR A 49 -28.57 -0.92 7.84
C TYR A 49 -27.46 -1.95 8.02
N ARG A 50 -26.28 -1.64 7.50
CA ARG A 50 -25.31 -2.68 7.16
C ARG A 50 -23.83 -2.30 7.35
N TYR A 51 -23.51 -1.55 8.43
CA TYR A 51 -22.10 -1.18 8.71
C TYR A 51 -21.48 -1.50 10.09
N PRO A 52 -21.93 -0.85 11.18
CA PRO A 52 -21.48 -1.40 12.47
C PRO A 52 -22.62 -1.71 13.43
N PRO A 53 -22.46 -2.70 14.34
CA PRO A 53 -23.54 -3.13 15.23
C PRO A 53 -23.43 -2.56 16.64
N THR A 54 -22.43 -1.72 16.88
CA THR A 54 -22.22 -1.12 18.19
C THR A 54 -22.10 0.40 18.12
N TYR A 55 -22.32 0.97 16.94
CA TYR A 55 -22.35 2.41 16.80
C TYR A 55 -23.50 3.00 17.57
N VAL A 56 -23.20 4.07 18.30
CA VAL A 56 -24.23 4.93 18.86
C VAL A 56 -24.76 5.79 17.72
N LEU A 57 -23.85 6.15 16.80
CA LEU A 57 -24.03 7.23 15.79
C LEU A 57 -25.49 7.57 15.40
N SER A 58 -26.30 6.54 15.17
CA SER A 58 -27.73 6.71 14.90
C SER A 58 -28.41 7.64 15.94
N SER A 59 -28.74 8.87 15.52
CA SER A 59 -29.26 9.88 16.45
C SER A 59 -30.53 10.56 15.95
N GLU A 60 -30.37 11.39 14.92
CA GLU A 60 -31.47 11.94 14.15
C GLU A 60 -31.90 10.82 13.24
N GLU A 61 -30.92 9.99 12.85
CA GLU A 61 -31.08 8.95 11.83
C GLU A 61 -32.23 8.03 12.25
N GLN A 62 -32.42 7.87 13.55
CA GLN A 62 -33.36 6.92 14.12
C GLN A 62 -34.75 7.17 13.54
N ASP A 63 -35.09 8.44 13.35
CA ASP A 63 -36.42 8.88 12.96
C ASP A 63 -36.61 8.61 11.46
N LEU A 64 -35.50 8.63 10.72
CA LEU A 64 -35.51 8.41 9.27
C LEU A 64 -35.97 6.96 9.04
N VAL A 65 -35.56 6.05 9.93
CA VAL A 65 -35.81 4.60 9.77
C VAL A 65 -37.26 4.36 10.20
N TRP A 66 -37.74 5.17 11.12
CA TRP A 66 -39.02 4.98 11.80
C TRP A 66 -40.14 4.89 10.78
N LYS A 67 -40.00 5.59 9.66
CA LYS A 67 -41.13 5.82 8.74
C LYS A 67 -41.04 4.91 7.52
N PHE A 68 -39.82 4.58 7.12
CA PHE A 68 -39.57 3.78 5.92
C PHE A 68 -39.65 2.33 6.36
N ARG A 69 -39.51 2.16 7.67
CA ARG A 69 -39.58 0.93 8.42
C ARG A 69 -40.87 0.14 8.11
N PHE A 70 -42.00 0.86 8.04
CA PHE A 70 -43.37 0.30 7.83
C PHE A 70 -43.46 -0.26 6.41
N TYR A 71 -42.74 0.38 5.49
CA TYR A 71 -42.79 0.06 4.07
C TYR A 71 -41.78 -1.08 3.87
N LEU A 72 -40.50 -0.82 4.13
CA LEU A 72 -39.45 -1.81 3.85
C LEU A 72 -38.69 -2.34 5.08
N SER A 73 -39.29 -3.35 5.70
CA SER A 73 -38.57 -4.20 6.64
C SER A 73 -37.78 -5.21 5.80
N SER A 74 -36.78 -4.69 5.09
CA SER A 74 -36.02 -5.42 4.07
C SER A 74 -35.57 -6.79 4.52
N HIS A 75 -34.45 -6.82 5.24
CA HIS A 75 -33.87 -8.08 5.69
C HIS A 75 -33.61 -8.09 7.18
N LYS A 76 -33.34 -9.28 7.70
CA LYS A 76 -32.85 -9.51 9.05
C LYS A 76 -31.88 -8.41 9.55
N LYS A 77 -31.09 -7.85 8.63
CA LYS A 77 -30.02 -6.91 8.99
C LYS A 77 -30.69 -5.68 9.55
N ALA A 78 -31.91 -5.44 9.09
CA ALA A 78 -32.65 -4.22 9.33
C ALA A 78 -33.19 -4.20 10.75
N LEU A 79 -33.61 -5.37 11.22
CA LEU A 79 -34.40 -5.47 12.43
C LEU A 79 -33.53 -5.02 13.58
N THR A 80 -32.25 -5.30 13.50
CA THR A 80 -31.33 -5.05 14.62
C THR A 80 -31.28 -3.54 14.90
N LYS A 81 -31.46 -2.74 13.84
CA LYS A 81 -31.25 -1.28 13.89
C LYS A 81 -32.50 -0.58 14.40
N PHE A 82 -33.67 -1.09 14.03
CA PHE A 82 -34.95 -0.45 14.37
C PHE A 82 -35.08 -0.62 15.88
N LEU A 83 -34.65 -1.76 16.41
CA LEU A 83 -34.92 -2.13 17.80
C LEU A 83 -34.29 -1.12 18.75
N LYS A 84 -33.20 -0.52 18.30
CA LYS A 84 -32.27 0.20 19.17
C LYS A 84 -32.92 1.45 19.75
N CYS A 85 -33.88 2.02 19.02
CA CYS A 85 -34.32 3.40 19.25
C CYS A 85 -35.60 3.52 20.12
N ILE A 86 -36.37 2.45 20.25
CA ILE A 86 -37.78 2.60 20.58
C ILE A 86 -38.09 2.37 22.07
N ASN A 87 -37.72 1.17 22.55
CA ASN A 87 -38.29 0.54 23.76
C ASN A 87 -38.39 1.37 25.06
N TRP A 88 -37.26 1.95 25.46
CA TRP A 88 -37.13 2.63 26.75
C TRP A 88 -38.02 3.88 26.94
N LYS A 89 -38.17 4.68 25.89
CA LYS A 89 -38.73 6.02 26.07
C LYS A 89 -40.25 6.08 26.26
N LEU A 90 -41.02 5.39 25.42
CA LEU A 90 -42.46 5.38 25.60
C LEU A 90 -42.95 3.99 25.97
N GLU A 91 -43.94 3.96 26.86
CA GLU A 91 -44.69 2.74 27.22
C GLU A 91 -45.49 2.17 26.04
N ASP A 92 -45.92 3.05 25.12
CA ASP A 92 -46.85 2.70 24.03
C ASP A 92 -46.07 2.27 22.80
N GLU A 93 -44.89 2.86 22.58
CA GLU A 93 -44.05 2.60 21.39
C GLU A 93 -43.86 1.10 21.31
N VAL A 94 -43.76 0.49 22.48
CA VAL A 94 -43.44 -0.91 22.66
C VAL A 94 -44.47 -1.73 21.89
N THR A 95 -45.73 -1.30 21.89
CA THR A 95 -46.86 -2.08 21.36
C THR A 95 -46.79 -2.14 19.85
N GLN A 96 -46.22 -1.11 19.24
CA GLN A 96 -46.31 -0.93 17.80
C GLN A 96 -45.11 -1.67 17.22
N ALA A 97 -44.02 -1.68 17.97
CA ALA A 97 -42.74 -2.17 17.49
C ALA A 97 -42.78 -3.68 17.57
N LEU A 98 -43.49 -4.17 18.57
CA LEU A 98 -43.53 -5.59 18.91
C LEU A 98 -44.28 -6.29 17.79
N TRP A 99 -45.25 -5.57 17.22
CA TRP A 99 -46.11 -6.08 16.16
C TRP A 99 -45.24 -6.10 14.91
N MET A 100 -44.33 -5.12 14.79
CA MET A 100 -43.47 -4.99 13.61
C MET A 100 -42.51 -6.17 13.58
N LEU A 101 -42.04 -6.56 14.77
CA LEU A 101 -40.99 -7.57 14.97
C LEU A 101 -41.53 -8.95 14.63
N ALA A 102 -42.81 -9.18 14.94
CA ALA A 102 -43.44 -10.48 14.77
C ALA A 102 -43.61 -10.72 13.27
N ASN A 103 -43.76 -9.63 12.52
CA ASN A 103 -44.09 -9.71 11.09
C ASN A 103 -42.81 -9.62 10.29
N TRP A 104 -41.86 -8.88 10.86
CA TRP A 104 -40.57 -8.62 10.25
C TRP A 104 -39.91 -9.88 9.72
N ALA A 105 -39.15 -9.71 8.64
CA ALA A 105 -38.25 -10.75 8.11
C ALA A 105 -37.33 -11.25 9.22
N PRO A 106 -37.21 -12.61 9.38
CA PRO A 106 -36.69 -13.14 10.64
C PRO A 106 -35.19 -12.94 10.77
N MET A 107 -34.78 -12.57 11.98
CA MET A 107 -33.40 -12.24 12.27
C MET A 107 -32.49 -13.46 12.15
N ASP A 108 -31.26 -13.21 11.71
CA ASP A 108 -30.21 -14.24 11.68
C ASP A 108 -29.62 -14.50 13.05
N VAL A 109 -29.35 -15.77 13.33
CA VAL A 109 -28.85 -16.23 14.63
C VAL A 109 -27.76 -15.32 15.21
N GLU A 110 -26.86 -14.85 14.37
CA GLU A 110 -25.67 -14.08 14.79
C GLU A 110 -26.07 -12.67 15.19
N ASP A 111 -27.08 -12.12 14.51
CA ASP A 111 -27.59 -10.78 14.75
C ASP A 111 -28.40 -10.93 16.02
N ALA A 112 -28.96 -12.10 16.22
CA ALA A 112 -29.85 -12.38 17.34
C ALA A 112 -29.06 -12.31 18.64
N LEU A 113 -27.75 -12.58 18.58
CA LEU A 113 -26.92 -12.71 19.78
C LEU A 113 -26.98 -11.40 20.53
N GLU A 114 -27.04 -10.31 19.78
CA GLU A 114 -26.90 -8.97 20.31
C GLU A 114 -28.05 -8.73 21.30
N LEU A 115 -29.19 -9.34 21.03
CA LEU A 115 -30.39 -9.07 21.78
C LEU A 115 -30.18 -9.58 23.20
N LEU A 116 -29.29 -10.56 23.36
CA LEU A 116 -29.08 -11.21 24.65
C LEU A 116 -28.08 -10.35 25.40
N SER A 117 -27.51 -9.39 24.68
CA SER A 117 -26.68 -8.34 25.25
C SER A 117 -27.34 -7.63 26.45
N PRO A 118 -26.53 -6.95 27.27
CA PRO A 118 -27.08 -6.24 28.42
C PRO A 118 -27.76 -4.92 28.04
N THR A 119 -27.61 -4.46 26.80
CA THR A 119 -28.26 -3.20 26.39
C THR A 119 -29.75 -3.34 26.18
N PHE A 120 -30.22 -4.50 25.74
CA PHE A 120 -31.66 -4.70 25.53
C PHE A 120 -32.31 -5.40 26.74
N THR A 121 -33.10 -4.64 27.49
CA THR A 121 -33.70 -5.17 28.71
C THR A 121 -34.98 -5.92 28.40
N HIS A 122 -35.73 -5.42 27.41
CA HIS A 122 -37.18 -5.73 27.31
C HIS A 122 -37.52 -7.20 27.12
N PRO A 123 -38.08 -7.84 28.18
CA PRO A 123 -38.47 -9.26 28.24
C PRO A 123 -39.06 -9.83 26.94
N GLN A 124 -39.70 -9.01 26.13
CA GLN A 124 -40.41 -9.50 24.94
C GLN A 124 -39.43 -9.71 23.81
N VAL A 125 -38.39 -8.90 23.72
CA VAL A 125 -37.49 -8.98 22.56
C VAL A 125 -36.53 -10.16 22.82
N ARG A 126 -36.15 -10.35 24.09
CA ARG A 126 -35.22 -11.43 24.50
C ARG A 126 -35.81 -12.80 24.18
N LYS A 127 -37.10 -12.97 24.41
CA LYS A 127 -37.79 -14.21 24.06
C LYS A 127 -37.62 -14.41 22.56
N TYR A 128 -37.62 -13.33 21.79
CA TYR A 128 -37.66 -13.46 20.34
C TYR A 128 -36.32 -14.00 19.95
N ALA A 129 -35.27 -13.56 20.64
CA ALA A 129 -33.91 -13.92 20.27
C ALA A 129 -33.77 -15.40 20.50
N VAL A 130 -34.41 -15.91 21.55
CA VAL A 130 -34.25 -17.30 21.98
C VAL A 130 -34.90 -18.17 20.90
N SER A 131 -35.96 -17.65 20.29
CA SER A 131 -36.74 -18.38 19.27
C SER A 131 -35.83 -18.52 18.03
N ARG A 132 -34.97 -17.53 17.82
CA ARG A 132 -34.05 -17.52 16.68
C ARG A 132 -32.97 -18.58 16.89
N LEU A 133 -32.50 -18.70 18.13
CA LEU A 133 -31.44 -19.62 18.48
C LEU A 133 -31.97 -21.02 18.26
N ALA A 134 -33.21 -21.24 18.64
CA ALA A 134 -33.76 -22.59 18.65
C ALA A 134 -33.73 -23.11 17.23
N GLN A 135 -33.87 -22.20 16.26
CA GLN A 135 -34.03 -22.58 14.86
C GLN A 135 -32.65 -23.03 14.35
N ALA A 136 -31.60 -22.43 14.88
CA ALA A 136 -30.22 -22.75 14.47
C ALA A 136 -29.84 -24.21 14.78
N PRO A 137 -29.05 -24.84 13.87
CA PRO A 137 -28.57 -26.20 14.06
C PRO A 137 -27.54 -26.31 15.19
N ASP A 138 -27.42 -27.49 15.80
CA ASP A 138 -26.54 -27.70 16.95
C ASP A 138 -25.11 -27.26 16.76
N GLU A 139 -24.50 -27.53 15.60
CA GLU A 139 -23.08 -27.16 15.37
C GLU A 139 -22.85 -25.68 15.65
N ASP A 140 -23.82 -24.86 15.26
CA ASP A 140 -23.74 -23.39 15.38
C ASP A 140 -23.94 -23.04 16.84
N LEU A 141 -24.81 -23.79 17.52
CA LEU A 141 -25.12 -23.53 18.91
C LEU A 141 -23.87 -23.73 19.74
N LEU A 142 -23.04 -24.69 19.36
CA LEU A 142 -21.86 -25.03 20.15
C LEU A 142 -20.84 -23.89 20.05
N LEU A 143 -20.68 -23.27 18.90
CA LEU A 143 -19.66 -22.27 18.74
C LEU A 143 -19.95 -21.19 19.76
N TYR A 144 -21.21 -20.81 19.85
CA TYR A 144 -21.59 -19.65 20.62
C TYR A 144 -21.73 -20.02 22.08
N LEU A 145 -21.86 -21.30 22.38
CA LEU A 145 -22.23 -21.78 23.70
C LEU A 145 -21.51 -21.00 24.82
N LEU A 146 -20.22 -20.74 24.62
CA LEU A 146 -19.37 -20.02 25.61
C LEU A 146 -20.00 -18.66 25.92
N GLN A 147 -20.48 -17.99 24.86
CA GLN A 147 -21.10 -16.67 24.90
C GLN A 147 -22.46 -16.77 25.57
N LEU A 148 -23.14 -17.88 25.35
CA LEU A 148 -24.47 -17.99 25.83
C LEU A 148 -24.35 -18.20 27.31
N VAL A 149 -23.27 -18.81 27.75
CA VAL A 149 -23.19 -19.17 29.15
C VAL A 149 -22.95 -17.85 29.86
N GLN A 150 -22.17 -16.98 29.22
CA GLN A 150 -21.83 -15.65 29.74
C GLN A 150 -23.10 -14.84 29.76
N ALA A 151 -23.95 -15.07 28.76
CA ALA A 151 -25.18 -14.31 28.53
C ALA A 151 -26.16 -14.50 29.69
N LEU A 152 -26.09 -15.63 30.37
CA LEU A 152 -27.02 -15.96 31.46
C LEU A 152 -27.16 -14.83 32.47
N LYS A 153 -26.09 -14.05 32.68
CA LYS A 153 -26.10 -13.04 33.73
C LYS A 153 -27.12 -12.00 33.36
N TYR A 154 -27.13 -11.65 32.09
CA TYR A 154 -27.96 -10.56 31.62
C TYR A 154 -29.43 -10.81 31.72
N GLU A 155 -29.84 -11.98 31.27
CA GLU A 155 -31.20 -12.47 31.45
C GLU A 155 -31.61 -12.37 32.94
N ASP A 156 -32.87 -11.99 33.17
CA ASP A 156 -33.37 -11.63 34.50
C ASP A 156 -33.42 -12.79 35.52
N PRO A 157 -33.05 -12.54 36.79
CA PRO A 157 -33.03 -13.52 37.87
C PRO A 157 -34.33 -14.27 38.11
N ARG A 158 -35.48 -13.60 37.97
CA ARG A 158 -36.77 -14.19 38.33
C ARG A 158 -37.15 -15.41 37.48
N HIS A 159 -36.68 -15.41 36.24
CA HIS A 159 -36.71 -16.55 35.31
C HIS A 159 -35.96 -17.79 35.83
N ILE A 160 -34.91 -17.58 36.61
CA ILE A 160 -34.02 -18.67 37.02
C ILE A 160 -34.63 -19.26 38.27
N VAL A 161 -35.23 -18.40 39.10
CA VAL A 161 -35.77 -18.79 40.42
C VAL A 161 -37.10 -19.48 40.25
N HIS A 162 -37.90 -19.06 39.26
CA HIS A 162 -39.24 -19.58 39.05
C HIS A 162 -39.12 -21.06 38.68
N LEU A 163 -38.05 -21.37 37.94
CA LEU A 163 -37.82 -22.69 37.38
C LEU A 163 -37.30 -23.53 38.51
N HIS A 164 -36.47 -22.93 39.37
CA HIS A 164 -35.85 -23.66 40.48
C HIS A 164 -36.99 -24.14 41.36
N GLY A 165 -38.03 -23.30 41.47
CA GLY A 165 -39.15 -23.52 42.39
C GLY A 165 -39.93 -24.69 41.84
N CYS A 166 -39.99 -24.75 40.51
CA CYS A 166 -40.79 -25.73 39.79
C CYS A 166 -40.20 -27.14 40.00
N ILE A 167 -38.88 -27.24 40.14
CA ILE A 167 -38.22 -28.56 40.19
C ILE A 167 -38.05 -29.00 41.66
N PHE A 168 -37.54 -28.10 42.50
CA PHE A 168 -37.03 -28.44 43.85
C PHE A 168 -38.02 -28.62 45.06
N PRO A 169 -38.71 -27.54 45.54
CA PRO A 169 -39.75 -27.94 46.53
C PRO A 169 -41.04 -28.44 45.88
N ALA A 278 -40.76 -19.91 25.79
CA ALA A 278 -39.41 -20.35 26.14
C ALA A 278 -38.51 -19.15 26.58
N ASN A 279 -38.24 -19.06 27.88
CA ASN A 279 -37.19 -18.18 28.44
C ASN A 279 -35.80 -18.82 28.22
N LEU A 280 -34.78 -18.03 27.85
CA LEU A 280 -33.49 -18.59 27.38
C LEU A 280 -32.91 -19.77 28.15
N CYS A 281 -32.97 -19.72 29.47
CA CYS A 281 -32.21 -20.65 30.32
C CYS A 281 -32.90 -22.01 30.36
N THR A 282 -34.22 -22.05 30.19
CA THR A 282 -34.95 -23.30 30.22
C THR A 282 -34.42 -23.91 28.93
N PHE A 283 -34.20 -23.05 27.94
CA PHE A 283 -33.91 -23.45 26.56
C PHE A 283 -32.56 -24.11 26.48
N LEU A 284 -31.57 -23.57 27.20
CA LEU A 284 -30.20 -24.06 27.11
C LEU A 284 -30.21 -25.45 27.71
N ILE A 285 -31.01 -25.66 28.73
CA ILE A 285 -31.03 -26.95 29.41
C ILE A 285 -31.74 -27.94 28.48
N GLN A 286 -32.80 -27.51 27.82
CA GLN A 286 -33.62 -28.45 27.05
C GLN A 286 -32.76 -29.00 25.97
N ARG A 287 -31.91 -28.15 25.39
CA ARG A 287 -31.12 -28.53 24.23
C ARG A 287 -29.92 -29.29 24.71
N ALA A 288 -29.42 -28.94 25.89
CA ALA A 288 -28.21 -29.55 26.40
C ALA A 288 -28.51 -31.03 26.52
N CYS A 289 -29.76 -31.35 26.79
CA CYS A 289 -30.19 -32.70 27.12
C CYS A 289 -30.40 -33.55 25.88
N THR A 290 -30.63 -32.91 24.74
CA THR A 290 -31.09 -33.63 23.57
C THR A 290 -29.87 -34.28 22.96
N ASN A 291 -28.75 -33.56 23.10
CA ASN A 291 -27.53 -33.88 22.41
C ASN A 291 -26.38 -34.02 23.42
N ALA A 292 -25.75 -35.19 23.43
CA ALA A 292 -24.74 -35.56 24.42
C ALA A 292 -23.50 -34.70 24.43
N THR A 293 -23.02 -34.23 23.28
CA THR A 293 -21.76 -33.46 23.27
C THR A 293 -22.04 -32.09 23.92
N LEU A 294 -23.24 -31.56 23.67
CA LEU A 294 -23.67 -30.23 24.13
C LEU A 294 -23.79 -30.26 25.62
N ALA A 295 -24.24 -31.39 26.14
CA ALA A 295 -24.45 -31.55 27.54
C ALA A 295 -23.07 -31.43 28.15
N ASN A 296 -22.08 -31.99 27.50
CA ASN A 296 -20.76 -32.08 28.04
C ASN A 296 -20.20 -30.68 28.15
N TYR A 297 -20.45 -29.86 27.16
CA TYR A 297 -19.77 -28.59 27.13
C TYR A 297 -20.48 -27.71 28.13
N PHE A 298 -21.80 -27.86 28.16
CA PHE A 298 -22.65 -27.01 28.95
C PHE A 298 -22.20 -27.25 30.39
N TYR A 299 -21.93 -28.50 30.75
CA TYR A 299 -21.56 -28.84 32.12
C TYR A 299 -20.23 -28.21 32.50
N TRP A 300 -19.23 -28.34 31.64
CA TRP A 300 -17.89 -27.88 31.96
C TRP A 300 -17.79 -26.37 32.10
N TYR A 301 -18.60 -25.63 31.31
CA TYR A 301 -18.64 -24.16 31.33
C TYR A 301 -19.27 -23.68 32.62
N LEU A 302 -20.30 -24.39 33.09
CA LEU A 302 -21.02 -23.96 34.27
C LEU A 302 -20.13 -24.29 35.46
N SER A 303 -19.38 -25.37 35.37
CA SER A 303 -18.62 -25.88 36.50
C SER A 303 -17.48 -24.90 36.83
N ILE A 304 -16.94 -24.20 35.82
CA ILE A 304 -15.78 -23.31 36.05
C ILE A 304 -16.36 -22.11 36.76
N GLU A 305 -17.62 -21.79 36.45
CA GLU A 305 -18.30 -20.58 36.96
C GLU A 305 -18.65 -20.74 38.44
N VAL A 306 -18.92 -21.97 38.83
CA VAL A 306 -19.54 -22.28 40.09
C VAL A 306 -18.51 -22.27 41.21
N GLU A 307 -17.36 -22.91 41.01
CA GLU A 307 -16.28 -22.89 42.00
C GLU A 307 -15.94 -21.46 42.48
N GLU A 308 -15.71 -21.35 43.78
CA GLU A 308 -15.29 -20.12 44.45
C GLU A 308 -14.05 -19.49 43.79
N ARG A 313 -18.06 -11.86 46.65
CA ARG A 313 -17.00 -10.87 46.87
C ARG A 313 -17.50 -9.46 46.50
N LYS A 314 -18.05 -9.31 45.29
CA LYS A 314 -18.61 -8.02 44.82
C LYS A 314 -19.96 -8.20 44.07
N GLN A 315 -19.87 -8.26 42.75
CA GLN A 315 -20.96 -8.72 41.88
C GLN A 315 -20.86 -10.25 41.76
N ASP A 316 -19.64 -10.74 42.02
CA ASP A 316 -19.29 -12.14 41.99
C ASP A 316 -20.20 -13.06 42.78
N GLU A 317 -20.70 -12.59 43.93
CA GLU A 317 -21.69 -13.33 44.70
C GLU A 317 -23.01 -13.47 43.94
N ARG A 318 -23.40 -12.44 43.18
CA ARG A 318 -24.71 -12.42 42.53
C ARG A 318 -24.70 -13.46 41.44
N ALA A 319 -23.57 -13.56 40.74
CA ALA A 319 -23.41 -14.41 39.56
C ALA A 319 -23.05 -15.83 39.99
N HIS A 320 -22.21 -16.00 41.00
CA HIS A 320 -21.77 -17.32 41.42
C HIS A 320 -23.03 -18.02 41.90
N ASP A 321 -23.91 -17.30 42.57
CA ASP A 321 -25.04 -17.95 43.23
C ASP A 321 -25.97 -18.41 42.13
N MET A 322 -26.01 -17.65 41.05
CA MET A 322 -27.00 -17.83 40.02
C MET A 322 -26.60 -19.06 39.23
N TYR A 323 -25.30 -19.19 38.98
CA TYR A 323 -24.74 -20.21 38.10
C TYR A 323 -24.80 -21.50 38.87
N ALA A 324 -24.57 -21.40 40.16
CA ALA A 324 -24.49 -22.56 41.02
C ALA A 324 -25.84 -23.20 40.89
N MET A 325 -26.85 -22.35 40.75
CA MET A 325 -28.24 -22.77 40.84
C MET A 325 -28.56 -23.41 39.51
N VAL A 326 -28.07 -22.82 38.43
CA VAL A 326 -28.38 -23.28 37.08
C VAL A 326 -27.88 -24.72 36.96
N LEU A 327 -26.71 -24.98 37.51
CA LEU A 327 -26.04 -26.26 37.32
C LEU A 327 -26.82 -27.29 38.10
N LYS A 328 -27.31 -26.93 39.27
CA LYS A 328 -27.93 -27.93 40.14
C LYS A 328 -29.19 -28.37 39.45
N MET A 329 -29.81 -27.47 38.71
CA MET A 329 -31.08 -27.73 38.08
C MET A 329 -30.83 -28.68 36.92
N PHE A 330 -29.73 -28.49 36.21
CA PHE A 330 -29.40 -29.27 35.01
C PHE A 330 -29.08 -30.69 35.41
N LEU A 331 -28.41 -30.86 36.53
CA LEU A 331 -28.04 -32.16 37.01
C LEU A 331 -29.29 -32.90 37.50
N LYS A 332 -30.28 -32.15 38.01
CA LYS A 332 -31.50 -32.74 38.59
C LYS A 332 -32.39 -33.19 37.42
N VAL A 333 -32.35 -32.47 36.30
CA VAL A 333 -33.14 -32.80 35.11
C VAL A 333 -32.58 -34.06 34.47
N LEU A 334 -31.28 -34.32 34.62
CA LEU A 334 -30.67 -35.44 33.91
C LEU A 334 -30.91 -36.64 34.77
N GLU A 335 -30.70 -36.50 36.08
CA GLU A 335 -30.88 -37.60 37.06
C GLU A 335 -32.26 -38.19 36.88
N ASN A 336 -33.14 -37.41 36.28
CA ASN A 336 -34.55 -37.76 36.25
C ASN A 336 -34.99 -38.23 34.88
N GLY A 337 -34.23 -37.97 33.82
CA GLY A 337 -34.86 -37.81 32.47
C GLY A 337 -35.35 -39.10 31.82
N ASN A 338 -34.48 -39.99 31.33
CA ASN A 338 -35.03 -41.30 30.98
C ASN A 338 -33.92 -42.25 30.76
N PHE A 339 -33.47 -42.56 29.57
CA PHE A 339 -32.38 -43.52 29.58
C PHE A 339 -31.28 -42.73 29.05
N ASN A 340 -31.67 -41.83 28.17
CA ASN A 340 -30.76 -41.12 27.37
C ASN A 340 -30.27 -40.02 28.26
N LEU A 341 -31.16 -39.50 29.10
CA LEU A 341 -30.83 -38.28 29.84
C LEU A 341 -30.06 -38.78 31.03
N ARG A 342 -30.48 -39.92 31.57
CA ARG A 342 -29.84 -40.46 32.76
C ARG A 342 -28.44 -40.81 32.30
N GLY A 343 -28.35 -41.25 31.05
CA GLY A 343 -27.15 -41.86 30.52
C GLY A 343 -26.13 -40.78 30.48
N ILE A 344 -26.59 -39.57 30.15
CA ILE A 344 -25.70 -38.40 30.00
C ILE A 344 -25.16 -38.12 31.37
N PHE A 345 -26.02 -38.26 32.37
CA PHE A 345 -25.69 -37.90 33.73
C PHE A 345 -24.59 -38.82 34.26
N TYR A 346 -24.58 -40.06 33.85
CA TYR A 346 -23.62 -41.01 34.38
C TYR A 346 -22.29 -40.66 33.74
N ASN A 347 -22.28 -40.24 32.48
CA ASN A 347 -21.03 -40.07 31.76
C ASN A 347 -20.37 -38.87 32.34
N LEU A 348 -21.12 -37.88 32.77
CA LEU A 348 -20.53 -36.66 33.30
C LEU A 348 -19.87 -37.06 34.62
N ARG A 349 -20.55 -37.91 35.39
CA ARG A 349 -20.14 -38.33 36.73
C ARG A 349 -18.79 -38.97 36.59
N LYS A 350 -18.62 -39.76 35.51
CA LYS A 350 -17.41 -40.54 35.19
C LYS A 350 -16.27 -39.59 34.83
N GLN A 351 -16.60 -38.51 34.12
CA GLN A 351 -15.61 -37.56 33.64
C GLN A 351 -15.11 -36.84 34.86
N ARG A 352 -16.05 -36.44 35.71
CA ARG A 352 -15.76 -35.62 36.87
C ARG A 352 -14.87 -36.40 37.83
N ARG A 353 -15.11 -37.69 37.96
CA ARG A 353 -14.42 -38.50 38.96
C ARG A 353 -13.07 -38.72 38.42
N PHE A 354 -12.98 -38.83 37.11
CA PHE A 354 -11.75 -39.27 36.48
C PHE A 354 -10.72 -38.17 36.62
N ILE A 355 -11.14 -36.91 36.44
CA ILE A 355 -10.22 -35.76 36.40
C ILE A 355 -9.61 -35.62 37.78
N ASP A 356 -10.44 -35.73 38.82
CA ASP A 356 -10.02 -35.50 40.20
C ASP A 356 -8.86 -36.41 40.57
N GLU A 357 -8.90 -37.63 40.06
CA GLU A 357 -7.87 -38.61 40.33
C GLU A 357 -6.65 -38.19 39.55
N LEU A 358 -6.86 -37.76 38.31
CA LEU A 358 -5.78 -37.31 37.46
C LEU A 358 -5.13 -36.12 38.14
N VAL A 359 -5.93 -35.25 38.73
CA VAL A 359 -5.40 -34.01 39.28
C VAL A 359 -4.64 -34.42 40.51
N LYS A 360 -5.12 -35.44 41.23
CA LYS A 360 -4.52 -35.82 42.51
C LYS A 360 -3.14 -36.26 42.19
N LEU A 361 -3.04 -37.07 41.14
CA LEU A 361 -1.79 -37.69 40.73
C LEU A 361 -0.81 -36.59 40.33
N VAL A 362 -1.25 -35.63 39.53
CA VAL A 362 -0.37 -34.56 39.05
C VAL A 362 0.22 -33.82 40.25
N LYS A 363 -0.58 -33.68 41.30
CA LYS A 363 -0.16 -32.89 42.45
C LYS A 363 0.98 -33.61 43.21
N LEU A 364 1.05 -34.93 43.12
CA LEU A 364 2.03 -35.70 43.84
C LEU A 364 3.33 -35.55 43.08
N VAL A 365 3.22 -35.43 41.76
CA VAL A 365 4.38 -35.37 40.88
C VAL A 365 5.04 -34.05 41.14
N ALA A 366 4.24 -33.02 41.39
CA ALA A 366 4.72 -31.64 41.53
C ALA A 366 5.50 -31.52 42.83
N LYS A 367 5.18 -32.36 43.81
CA LYS A 367 5.76 -32.25 45.13
C LYS A 367 7.15 -32.86 45.11
N GLU A 368 7.25 -34.15 44.75
CA GLU A 368 8.54 -34.84 44.60
C GLU A 368 9.53 -33.96 43.84
N PRO A 369 10.72 -33.74 44.44
CA PRO A 369 11.68 -32.81 43.85
C PRO A 369 12.53 -33.47 42.75
N GLY A 370 12.83 -32.71 41.69
CA GLY A 370 13.63 -33.23 40.58
C GLY A 370 13.56 -32.36 39.35
N ASN A 371 14.56 -32.42 38.48
CA ASN A 371 14.46 -31.70 37.21
C ASN A 371 13.41 -32.43 36.37
N ARG A 372 13.02 -31.87 35.25
CA ARG A 372 11.89 -32.39 34.51
C ARG A 372 11.98 -33.88 34.37
N ASN A 373 13.15 -34.38 34.00
CA ASN A 373 13.33 -35.80 33.74
C ASN A 373 13.02 -36.64 34.95
N LYS A 374 13.43 -36.21 36.13
CA LYS A 374 13.14 -37.00 37.31
C LYS A 374 11.63 -36.93 37.51
N LYS A 375 11.02 -35.80 37.19
CA LYS A 375 9.61 -35.62 37.51
C LYS A 375 8.80 -36.46 36.55
N THR A 376 9.25 -36.56 35.31
CA THR A 376 8.47 -37.29 34.33
C THR A 376 8.56 -38.80 34.60
N GLU A 377 9.67 -39.25 35.19
CA GLU A 377 9.87 -40.69 35.47
C GLU A 377 8.91 -41.06 36.59
N LYS A 378 8.70 -40.11 37.50
CA LYS A 378 7.85 -40.28 38.67
C LYS A 378 6.44 -40.36 38.15
N PHE A 379 6.14 -39.61 37.10
CA PHE A 379 4.80 -39.55 36.54
C PHE A 379 4.50 -40.88 35.86
N GLN A 380 5.49 -41.43 35.15
CA GLN A 380 5.28 -42.65 34.38
C GLN A 380 4.97 -43.76 35.35
N LYS A 381 5.55 -43.72 36.55
CA LYS A 381 5.46 -44.85 37.49
C LYS A 381 4.10 -44.80 38.14
N LEU A 382 3.60 -43.60 38.41
CA LEU A 382 2.37 -43.47 39.20
C LEU A 382 1.17 -43.97 38.39
N LEU A 383 1.22 -43.82 37.07
CA LEU A 383 0.06 -44.11 36.23
C LEU A 383 -0.05 -45.60 36.22
N ALA A 384 1.10 -46.26 36.32
CA ALA A 384 1.18 -47.71 36.09
C ALA A 384 0.96 -48.45 37.41
N GLU A 385 1.20 -47.75 38.52
CA GLU A 385 0.65 -48.12 39.83
C GLU A 385 -0.87 -48.21 39.76
N GLN A 386 -1.40 -49.38 40.03
CA GLN A 386 -2.85 -49.57 40.01
C GLN A 386 -3.31 -49.60 41.45
N ASP A 387 -4.56 -49.18 41.69
CA ASP A 387 -5.15 -49.23 43.06
C ASP A 387 -4.33 -48.43 44.07
N MET A 388 -3.50 -47.54 43.55
CA MET A 388 -3.07 -46.44 44.33
C MET A 388 -4.21 -45.43 44.27
N PHE A 389 -5.03 -45.57 43.22
CA PHE A 389 -5.99 -44.53 42.89
C PHE A 389 -7.34 -45.08 42.60
N LYS A 390 -8.34 -44.31 43.02
CA LYS A 390 -9.77 -44.57 42.88
C LYS A 390 -10.19 -44.97 41.46
N VAL A 391 -9.53 -44.39 40.47
CA VAL A 391 -9.56 -44.90 39.10
C VAL A 391 -8.23 -45.58 38.82
N ASN A 392 -8.24 -46.68 38.09
CA ASN A 392 -6.98 -47.30 37.74
C ASN A 392 -6.58 -46.98 36.30
N PHE A 393 -5.47 -46.29 36.09
CA PHE A 393 -5.21 -45.71 34.76
C PHE A 393 -4.88 -46.71 33.68
N THR A 394 -3.99 -47.65 33.94
CA THR A 394 -3.60 -48.59 32.89
C THR A 394 -4.76 -49.28 32.24
N ASN A 395 -5.87 -49.44 32.96
CA ASN A 395 -7.13 -49.67 32.28
C ASN A 395 -8.24 -48.86 32.94
N PHE A 396 -9.21 -48.30 32.22
CA PHE A 396 -10.51 -48.02 32.89
C PHE A 396 -11.77 -48.38 32.08
N GLU A 397 -12.94 -48.22 32.71
CA GLU A 397 -14.23 -48.11 32.01
C GLU A 397 -14.27 -46.91 31.12
N PRO A 398 -14.84 -47.06 29.90
CA PRO A 398 -14.86 -46.05 28.86
C PRO A 398 -15.57 -44.78 29.27
N ILE A 399 -14.94 -43.65 28.99
CA ILE A 399 -15.44 -42.38 29.45
C ILE A 399 -15.43 -41.55 28.19
N PRO A 400 -16.51 -40.77 27.94
CA PRO A 400 -16.39 -39.79 26.89
C PRO A 400 -15.29 -38.76 27.21
N PHE A 401 -14.23 -38.72 26.42
CA PHE A 401 -13.25 -37.66 26.61
C PHE A 401 -13.92 -36.29 26.75
N PRO A 402 -13.61 -35.52 27.82
CA PRO A 402 -14.14 -34.17 28.04
C PRO A 402 -13.73 -33.19 26.97
N LEU A 403 -12.54 -33.38 26.45
CA LEU A 403 -12.05 -32.50 25.40
C LEU A 403 -12.82 -32.79 24.14
N ASP A 404 -13.04 -34.08 23.88
CA ASP A 404 -13.96 -34.48 22.81
C ASP A 404 -14.93 -35.64 23.17
N PRO A 405 -16.20 -35.29 23.39
CA PRO A 405 -17.23 -36.19 23.81
C PRO A 405 -17.40 -37.32 22.86
N GLU A 406 -17.06 -37.11 21.60
CA GLU A 406 -17.37 -38.10 20.58
C GLU A 406 -16.55 -39.38 20.74
N ILE A 407 -15.32 -39.19 21.24
CA ILE A 407 -14.35 -40.27 21.39
C ILE A 407 -14.35 -40.79 22.82
N TYR A 408 -14.50 -42.10 23.01
CA TYR A 408 -14.37 -42.54 24.38
C TYR A 408 -12.92 -42.71 24.71
N ILE A 409 -12.51 -42.70 25.97
CA ILE A 409 -11.23 -43.34 26.23
C ILE A 409 -11.28 -44.69 26.89
N THR A 410 -10.18 -45.40 26.72
CA THR A 410 -9.90 -46.41 27.66
C THR A 410 -8.72 -46.23 28.62
N LYS A 411 -7.58 -46.82 28.28
CA LYS A 411 -6.38 -46.73 29.08
C LYS A 411 -5.54 -45.44 28.88
N ILE A 412 -4.51 -45.23 29.68
CA ILE A 412 -3.40 -44.38 29.27
C ILE A 412 -2.14 -45.21 29.10
N VAL A 413 -1.29 -44.85 28.14
CA VAL A 413 0.00 -45.54 28.01
C VAL A 413 1.11 -44.75 28.73
N PRO A 414 1.64 -45.29 29.85
CA PRO A 414 2.63 -44.61 30.68
C PRO A 414 3.93 -44.20 29.96
N MET A 415 4.53 -45.11 29.20
CA MET A 415 5.76 -44.78 28.45
C MET A 415 5.53 -43.65 27.49
N ARG A 416 4.34 -43.56 26.93
CA ARG A 416 4.19 -42.56 25.93
C ARG A 416 4.07 -41.17 26.53
N THR A 417 3.90 -41.07 27.85
CA THR A 417 3.73 -39.74 28.42
C THR A 417 5.06 -38.98 28.64
N SER A 418 5.11 -37.72 28.15
CA SER A 418 6.23 -36.80 28.42
C SER A 418 5.82 -35.52 29.18
N LEU A 419 6.76 -34.69 29.66
CA LEU A 419 6.40 -33.31 30.03
C LEU A 419 7.09 -32.27 29.17
N PHE A 420 6.44 -31.13 28.96
CA PHE A 420 6.99 -30.09 28.10
C PHE A 420 8.09 -29.27 28.75
N LYS A 421 8.87 -28.63 27.88
CA LYS A 421 9.97 -27.75 28.23
C LYS A 421 9.38 -26.49 28.87
N SER A 422 8.21 -26.08 28.36
CA SER A 422 7.37 -25.03 28.95
C SER A 422 7.53 -24.97 30.46
N ALA A 423 7.65 -23.74 30.97
CA ALA A 423 8.04 -23.47 32.36
C ALA A 423 6.98 -23.93 33.35
N LEU A 424 5.70 -23.73 33.04
CA LEU A 424 4.73 -24.57 33.74
C LEU A 424 4.73 -25.94 33.05
N MET A 425 4.88 -27.02 33.81
CA MET A 425 5.25 -28.29 33.21
C MET A 425 4.07 -29.18 32.89
N PRO A 426 3.58 -29.12 31.65
CA PRO A 426 2.37 -29.84 31.36
C PRO A 426 2.61 -31.25 30.81
N ALA A 427 1.75 -32.22 31.12
CA ALA A 427 2.08 -33.52 30.59
C ALA A 427 1.74 -33.57 29.11
N LYS A 428 2.33 -34.43 28.29
CA LYS A 428 1.55 -34.91 27.14
C LYS A 428 0.80 -36.06 27.77
N LEU A 429 -0.39 -36.49 27.36
CA LEU A 429 -0.72 -37.86 27.73
C LEU A 429 -0.99 -38.60 26.48
N THR A 430 -0.96 -39.91 26.45
CA THR A 430 -1.67 -40.55 25.36
C THR A 430 -2.84 -41.31 25.92
N PHE A 431 -3.91 -41.55 25.17
CA PHE A 431 -4.70 -42.67 25.63
C PHE A 431 -4.79 -43.71 24.53
N VAL A 432 -5.19 -44.95 24.82
CA VAL A 432 -5.81 -45.65 23.71
C VAL A 432 -7.23 -45.15 23.76
N THR A 433 -7.98 -45.32 22.69
CA THR A 433 -9.42 -45.14 22.77
C THR A 433 -10.19 -46.32 22.22
N SER A 434 -11.47 -46.35 22.55
CA SER A 434 -12.36 -47.50 22.37
C SER A 434 -12.24 -48.31 21.06
N ILE A 435 -11.81 -47.68 19.96
CA ILE A 435 -11.75 -48.40 18.69
C ILE A 435 -10.33 -48.69 18.20
N ALA A 436 -10.03 -49.98 17.97
CA ALA A 436 -8.75 -50.48 17.44
C ALA A 436 -7.55 -49.78 18.06
N HIS A 437 -7.59 -49.63 19.39
CA HIS A 437 -6.54 -48.98 20.19
C HIS A 437 -5.96 -47.66 19.65
N HIS A 438 -6.68 -46.96 18.78
CA HIS A 438 -6.22 -45.69 18.18
C HIS A 438 -5.67 -44.80 19.25
N GLU A 439 -4.51 -44.18 19.01
CA GLU A 439 -3.99 -43.32 20.05
C GLU A 439 -4.92 -42.09 20.10
N TYR A 440 -4.85 -41.26 21.15
CA TYR A 440 -5.18 -39.83 21.03
C TYR A 440 -4.08 -39.20 21.85
N ALA A 441 -3.56 -38.02 21.62
CA ALA A 441 -2.93 -37.45 22.82
C ALA A 441 -3.57 -36.17 23.20
N ALA A 442 -3.44 -35.78 24.45
CA ALA A 442 -3.70 -34.41 24.76
C ALA A 442 -2.61 -33.80 25.61
N ILE A 443 -2.62 -32.49 25.78
CA ILE A 443 -1.84 -31.98 26.88
C ILE A 443 -2.71 -31.86 28.07
N PHE A 444 -2.10 -31.66 29.23
CA PHE A 444 -2.86 -31.34 30.44
C PHE A 444 -1.99 -30.47 31.33
N LYS A 445 -2.51 -29.29 31.63
CA LYS A 445 -1.73 -28.23 32.21
C LYS A 445 -2.24 -27.84 33.60
N HIS A 446 -1.36 -27.90 34.60
CA HIS A 446 -1.71 -27.68 36.02
C HIS A 446 -1.53 -26.26 36.54
N GLY A 447 -0.81 -25.42 35.81
CA GLY A 447 -0.43 -24.12 36.41
C GLY A 447 -1.19 -22.84 36.05
N ASP A 448 -2.01 -22.87 35.01
CA ASP A 448 -2.62 -21.63 34.54
C ASP A 448 -4.11 -21.79 34.48
N ASP A 449 -4.81 -20.69 34.19
CA ASP A 449 -6.23 -20.72 33.86
C ASP A 449 -6.38 -20.62 32.33
N LEU A 450 -7.14 -21.51 31.70
CA LEU A 450 -7.20 -21.53 30.25
C LEU A 450 -8.36 -20.77 29.60
N ARG A 451 -9.24 -20.21 30.40
CA ARG A 451 -10.46 -19.53 29.94
C ARG A 451 -10.14 -18.51 28.88
N GLN A 452 -9.00 -17.88 28.99
CA GLN A 452 -8.69 -16.86 28.03
C GLN A 452 -8.30 -17.55 26.72
N ASP A 453 -7.63 -18.68 26.84
CA ASP A 453 -7.06 -19.38 25.68
C ASP A 453 -8.20 -19.98 24.91
N GLN A 454 -9.25 -20.41 25.60
CA GLN A 454 -10.37 -21.05 24.90
C GLN A 454 -11.12 -20.01 24.10
N LEU A 455 -11.21 -18.80 24.63
CA LEU A 455 -11.93 -17.72 23.98
C LEU A 455 -11.23 -17.42 22.65
N ILE A 456 -9.90 -17.43 22.67
CA ILE A 456 -9.14 -17.03 21.49
C ILE A 456 -9.26 -18.13 20.47
N LEU A 457 -9.33 -19.36 20.95
CA LEU A 457 -9.38 -20.49 20.03
C LEU A 457 -10.73 -20.55 19.39
N GLN A 458 -11.77 -20.21 20.14
CA GLN A 458 -13.09 -20.08 19.55
C GLN A 458 -12.96 -19.01 18.45
N MET A 459 -12.24 -17.94 18.74
CA MET A 459 -12.16 -16.80 17.85
C MET A 459 -11.48 -17.24 16.58
N ILE A 460 -10.44 -18.03 16.73
CA ILE A 460 -9.75 -18.50 15.55
C ILE A 460 -10.63 -19.53 14.88
N THR A 461 -11.34 -20.36 15.64
CA THR A 461 -12.05 -21.48 15.03
C THR A 461 -13.08 -20.91 14.10
N LEU A 462 -13.74 -19.85 14.58
CA LEU A 462 -14.90 -19.27 13.91
C LEU A 462 -14.43 -18.54 12.68
N MET A 463 -13.29 -17.89 12.76
CA MET A 463 -12.78 -17.04 11.68
C MET A 463 -12.40 -17.94 10.52
N ASP A 464 -11.93 -19.12 10.85
CA ASP A 464 -11.45 -20.02 9.86
C ASP A 464 -12.71 -20.43 9.11
N LYS A 465 -13.80 -20.63 9.84
CA LYS A 465 -15.07 -21.11 9.25
C LYS A 465 -15.56 -20.05 8.28
N LEU A 466 -15.42 -18.79 8.64
CA LEU A 466 -15.92 -17.67 7.86
C LEU A 466 -15.22 -17.60 6.54
N LEU A 467 -13.93 -17.90 6.53
CA LEU A 467 -13.12 -17.71 5.34
C LEU A 467 -13.35 -18.92 4.51
N ARG A 468 -13.60 -20.04 5.15
CA ARG A 468 -13.73 -21.31 4.43
C ARG A 468 -15.03 -21.28 3.67
N ARG A 469 -16.00 -20.56 4.23
CA ARG A 469 -17.30 -20.36 3.58
C ARG A 469 -17.05 -19.51 2.33
N GLU A 470 -16.11 -18.56 2.42
CA GLU A 470 -15.82 -17.66 1.31
C GLU A 470 -14.96 -18.38 0.30
N ASN A 471 -14.48 -19.56 0.65
CA ASN A 471 -13.60 -20.30 -0.22
C ASN A 471 -12.17 -19.81 -0.12
N LEU A 472 -11.84 -19.21 1.02
CA LEU A 472 -10.47 -18.87 1.40
C LEU A 472 -10.06 -19.75 2.56
N ASP A 473 -9.06 -20.60 2.35
CA ASP A 473 -8.67 -21.63 3.30
C ASP A 473 -7.20 -21.49 3.44
N LEU A 474 -6.78 -20.88 4.53
CA LEU A 474 -5.38 -20.78 4.89
C LEU A 474 -5.20 -21.90 5.87
N LYS A 475 -4.11 -22.64 5.84
CA LYS A 475 -4.22 -23.90 6.57
C LYS A 475 -4.07 -23.73 8.10
N LEU A 476 -4.99 -23.00 8.71
CA LEU A 476 -4.89 -22.67 10.13
C LEU A 476 -5.22 -23.88 10.93
N THR A 477 -4.61 -24.00 12.11
CA THR A 477 -4.99 -25.08 13.00
C THR A 477 -5.65 -24.46 14.22
N PRO A 478 -6.96 -24.71 14.38
CA PRO A 478 -7.65 -24.25 15.56
C PRO A 478 -7.89 -25.43 16.50
N TYR A 479 -6.86 -25.75 17.29
CA TYR A 479 -6.87 -26.90 18.20
C TYR A 479 -7.88 -26.73 19.32
N LYS A 480 -8.35 -27.83 19.87
CA LYS A 480 -9.39 -27.73 20.87
C LYS A 480 -8.75 -27.43 22.20
N VAL A 481 -9.26 -26.43 22.91
CA VAL A 481 -8.97 -26.35 24.33
C VAL A 481 -10.28 -26.64 25.08
N LEU A 482 -10.23 -27.14 26.32
CA LEU A 482 -11.33 -26.84 27.26
C LEU A 482 -10.61 -26.48 28.52
N ALA A 483 -11.14 -25.67 29.41
CA ALA A 483 -10.60 -25.85 30.75
C ALA A 483 -11.58 -26.68 31.52
N THR A 484 -11.06 -27.57 32.34
CA THR A 484 -11.79 -28.01 33.51
C THR A 484 -11.81 -26.87 34.48
N SER A 485 -12.51 -27.02 35.58
CA SER A 485 -12.23 -26.12 36.69
C SER A 485 -10.80 -25.48 36.70
N SER A 486 -10.76 -24.14 36.58
CA SER A 486 -9.56 -23.32 36.37
C SER A 486 -8.35 -23.76 37.14
N LYS A 487 -7.19 -23.55 36.54
CA LYS A 487 -5.92 -24.14 36.98
C LYS A 487 -5.64 -25.59 36.50
N HIS A 488 -6.64 -26.37 36.11
CA HIS A 488 -6.28 -27.42 35.18
C HIS A 488 -6.99 -27.18 33.87
N GLY A 489 -6.49 -27.76 32.79
CA GLY A 489 -7.33 -27.93 31.60
C GLY A 489 -6.87 -29.03 30.67
N PHE A 490 -7.54 -29.24 29.54
CA PHE A 490 -6.82 -29.98 28.52
C PHE A 490 -6.47 -29.15 27.30
N LEU A 491 -5.56 -29.60 26.45
CA LEU A 491 -5.55 -29.10 25.07
C LEU A 491 -5.28 -30.24 24.12
N GLN A 492 -5.88 -30.19 22.95
CA GLN A 492 -5.64 -31.16 21.90
C GLN A 492 -4.20 -30.98 21.57
N TYR A 493 -3.50 -32.03 21.18
CA TYR A 493 -2.10 -31.88 20.80
C TYR A 493 -1.99 -32.05 19.32
N VAL A 494 -1.36 -31.11 18.62
CA VAL A 494 -1.10 -31.29 17.16
C VAL A 494 0.36 -31.53 16.96
N ASP A 495 0.72 -32.54 16.15
CA ASP A 495 2.13 -32.86 16.07
C ASP A 495 2.82 -31.78 15.31
N SER A 496 3.84 -31.19 15.93
CA SER A 496 4.41 -29.98 15.40
C SER A 496 5.74 -29.82 16.05
N CYS A 497 6.43 -28.76 15.70
CA CYS A 497 7.69 -28.45 16.29
C CYS A 497 7.71 -26.94 16.50
N THR A 498 8.11 -26.46 17.67
CA THR A 498 8.29 -25.02 17.90
C THR A 498 9.34 -24.48 16.95
N VAL A 499 9.18 -23.25 16.46
CA VAL A 499 10.09 -22.71 15.43
C VAL A 499 11.52 -22.75 15.87
N ALA A 500 11.77 -22.36 17.13
CA ALA A 500 13.14 -22.25 17.64
C ALA A 500 13.81 -23.62 17.60
N GLU A 501 13.05 -24.68 17.86
CA GLU A 501 13.53 -26.06 17.87
C GLU A 501 14.02 -26.34 16.48
N VAL A 502 13.19 -25.94 15.51
CA VAL A 502 13.47 -26.20 14.11
C VAL A 502 14.75 -25.53 13.70
N LEU A 503 15.01 -24.33 14.20
CA LEU A 503 16.17 -23.54 13.80
C LEU A 503 17.42 -24.11 14.46
N ALA A 504 17.30 -24.61 15.69
CA ALA A 504 18.50 -25.02 16.44
C ALA A 504 18.89 -26.31 15.81
N ARG A 505 17.89 -27.08 15.37
CA ARG A 505 18.12 -28.46 14.95
C ARG A 505 18.41 -28.61 13.46
N GLU A 506 17.94 -27.67 12.65
CA GLU A 506 18.14 -27.65 11.21
C GLU A 506 18.36 -26.19 10.92
N GLY A 507 19.43 -25.79 10.25
CA GLY A 507 19.82 -24.35 10.22
C GLY A 507 18.73 -23.28 10.11
N ASN A 508 17.83 -23.46 9.16
CA ASN A 508 16.75 -22.53 8.84
C ASN A 508 15.52 -23.30 8.41
N ILE A 509 14.37 -22.64 8.35
CA ILE A 509 13.12 -23.28 7.97
C ILE A 509 13.17 -24.03 6.62
N HIS A 510 13.83 -23.47 5.62
CA HIS A 510 13.82 -24.12 4.30
C HIS A 510 14.41 -25.51 4.40
N ASN A 511 15.46 -25.68 5.21
CA ASN A 511 16.17 -26.94 5.35
C ASN A 511 15.24 -27.98 5.92
N PHE A 512 14.34 -27.54 6.77
CA PHE A 512 13.48 -28.41 7.54
C PHE A 512 12.37 -28.98 6.65
N PHE A 513 11.78 -28.15 5.80
CA PHE A 513 10.73 -28.60 4.89
C PHE A 513 11.42 -29.47 3.86
N ARG A 514 12.62 -29.06 3.48
CA ARG A 514 13.32 -29.69 2.40
C ARG A 514 13.61 -31.09 2.88
N LYS A 515 13.78 -31.25 4.19
CA LYS A 515 14.16 -32.57 4.70
C LYS A 515 12.95 -33.47 4.62
N HIS A 516 11.77 -32.91 4.89
CA HIS A 516 10.57 -33.74 5.02
C HIS A 516 9.90 -33.93 3.69
N HIS A 517 10.06 -32.96 2.80
CA HIS A 517 9.27 -32.86 1.60
C HIS A 517 10.08 -32.41 0.38
N PRO A 518 11.18 -33.12 0.07
CA PRO A 518 12.07 -32.55 -0.89
C PRO A 518 11.58 -32.83 -2.30
N CYS A 519 11.60 -31.81 -3.15
CA CYS A 519 11.34 -31.96 -4.60
C CYS A 519 12.27 -31.04 -5.41
N ASP A 520 13.31 -31.61 -6.01
CA ASP A 520 14.33 -30.85 -6.76
C ASP A 520 13.83 -29.62 -7.49
N ASN A 521 12.66 -29.72 -8.10
CA ASN A 521 12.32 -28.72 -9.09
C ASN A 521 11.95 -27.38 -8.54
N GLY A 522 10.93 -27.31 -7.71
CA GLY A 522 10.57 -26.01 -7.24
C GLY A 522 10.02 -26.19 -5.87
N PRO A 523 9.71 -25.08 -5.20
CA PRO A 523 10.30 -23.92 -5.65
C PRO A 523 11.72 -23.95 -5.13
N TYR A 524 11.88 -24.40 -3.89
CA TYR A 524 13.21 -24.44 -3.30
C TYR A 524 13.74 -25.82 -3.14
N GLY A 525 13.46 -26.69 -4.10
CA GLY A 525 13.66 -28.11 -3.85
C GLY A 525 12.68 -28.51 -2.76
N ILE A 526 11.73 -27.63 -2.44
CA ILE A 526 10.64 -27.93 -1.52
C ILE A 526 9.35 -28.20 -2.28
N SER A 527 8.76 -29.37 -2.09
CA SER A 527 7.45 -29.63 -2.66
C SER A 527 6.56 -28.37 -2.65
N ALA A 528 6.00 -28.04 -3.81
CA ALA A 528 5.30 -26.78 -4.03
C ALA A 528 4.21 -26.50 -3.04
N GLU A 529 3.44 -27.54 -2.69
CA GLU A 529 2.24 -27.38 -1.88
C GLU A 529 2.65 -26.90 -0.52
N VAL A 530 3.73 -27.46 -0.01
CA VAL A 530 4.12 -27.24 1.37
C VAL A 530 4.40 -25.79 1.50
N MET A 531 5.05 -25.22 0.50
CA MET A 531 5.44 -23.85 0.58
C MET A 531 4.15 -23.08 0.64
N ASP A 532 3.21 -23.46 -0.21
CA ASP A 532 2.02 -22.65 -0.37
C ASP A 532 1.24 -22.70 0.93
N THR A 533 1.23 -23.85 1.61
CA THR A 533 0.36 -23.93 2.73
C THR A 533 1.04 -23.08 3.78
N TYR A 534 2.36 -22.97 3.74
CA TYR A 534 3.07 -22.25 4.79
C TYR A 534 2.78 -20.74 4.59
N ILE A 535 2.73 -20.30 3.34
CA ILE A 535 2.54 -18.92 3.01
C ILE A 535 1.15 -18.57 3.53
N LYS A 536 0.22 -19.48 3.36
CA LYS A 536 -1.15 -19.14 3.62
C LYS A 536 -1.31 -19.07 5.13
N SER A 537 -0.68 -19.97 5.87
CA SER A 537 -0.89 -20.11 7.32
C SER A 537 -0.38 -18.84 7.88
N CYS A 538 0.67 -18.30 7.29
CA CYS A 538 1.29 -17.09 7.83
C CYS A 538 0.36 -15.94 7.65
N ALA A 539 -0.25 -15.83 6.47
CA ALA A 539 -1.11 -14.70 6.19
C ALA A 539 -2.22 -14.76 7.24
N GLY A 540 -2.72 -15.96 7.46
CA GLY A 540 -3.88 -16.17 8.31
C GLY A 540 -3.58 -15.68 9.68
N TYR A 541 -2.43 -16.02 10.20
CA TYR A 541 -2.12 -15.66 11.55
C TYR A 541 -1.77 -14.16 11.74
N CYS A 542 -1.18 -13.50 10.75
CA CYS A 542 -0.73 -12.16 11.01
C CYS A 542 -1.95 -11.33 11.16
N VAL A 543 -2.94 -11.59 10.31
CA VAL A 543 -4.15 -10.77 10.26
C VAL A 543 -4.95 -11.12 11.53
N ILE A 544 -5.04 -12.39 11.87
CA ILE A 544 -5.85 -12.84 13.01
C ILE A 544 -5.25 -12.35 14.31
N THR A 545 -3.92 -12.31 14.36
CA THR A 545 -3.21 -11.89 15.57
C THR A 545 -3.39 -10.38 15.69
N TYR A 546 -3.48 -9.69 14.55
CA TYR A 546 -3.51 -8.25 14.56
C TYR A 546 -4.85 -7.84 15.14
N LEU A 547 -5.90 -8.59 14.84
CA LEU A 547 -7.27 -8.17 15.17
C LEU A 547 -7.50 -8.44 16.63
N LEU A 548 -6.78 -9.42 17.14
CA LEU A 548 -7.02 -9.91 18.47
C LEU A 548 -5.95 -9.36 19.34
N GLY A 549 -5.11 -8.52 18.71
CA GLY A 549 -3.99 -7.89 19.36
C GLY A 549 -3.20 -8.86 20.23
N VAL A 550 -2.92 -10.06 19.72
CA VAL A 550 -2.08 -10.98 20.47
C VAL A 550 -0.69 -10.34 20.64
N GLY A 551 -0.08 -10.57 21.78
CA GLY A 551 1.25 -10.08 22.00
C GLY A 551 2.04 -11.16 22.69
N ASP A 552 3.31 -10.86 22.97
CA ASP A 552 4.19 -11.76 23.69
C ASP A 552 4.51 -13.01 22.84
N ARG A 553 4.33 -12.88 21.52
CA ARG A 553 4.78 -13.89 20.55
C ARG A 553 6.29 -13.97 20.54
N HIS A 554 6.81 -15.19 20.52
CA HIS A 554 8.22 -15.42 20.18
C HIS A 554 8.41 -16.82 19.70
N LEU A 555 9.62 -17.18 19.28
CA LEU A 555 9.97 -18.48 18.72
C LEU A 555 9.48 -19.71 19.46
N ASP A 556 9.32 -19.63 20.79
CA ASP A 556 8.84 -20.74 21.63
C ASP A 556 7.35 -20.89 21.43
N ASN A 557 6.72 -19.78 21.03
CA ASN A 557 5.29 -19.55 20.92
C ASN A 557 4.72 -19.94 19.60
N LEU A 558 5.51 -19.91 18.51
CA LEU A 558 4.94 -20.24 17.21
C LEU A 558 5.33 -21.67 16.90
N LEU A 559 4.54 -22.45 16.18
CA LEU A 559 5.18 -23.64 15.65
C LEU A 559 5.00 -23.96 14.20
N LEU A 560 5.88 -24.85 13.71
CA LEU A 560 5.67 -25.46 12.43
C LEU A 560 5.10 -26.86 12.44
N THR A 561 4.67 -27.31 11.28
CA THR A 561 4.34 -28.72 11.12
C THR A 561 5.09 -29.24 9.92
N THR A 562 5.09 -30.54 9.72
CA THR A 562 5.87 -31.07 8.63
C THR A 562 5.15 -30.78 7.31
N ASN A 563 3.83 -30.66 7.33
CA ASN A 563 3.06 -30.19 6.15
C ASN A 563 3.40 -28.79 5.77
N GLY A 564 3.91 -28.06 6.76
CA GLY A 564 3.90 -26.68 6.51
C GLY A 564 3.17 -25.67 7.34
N LYS A 565 2.22 -25.97 8.22
CA LYS A 565 1.36 -24.84 8.52
C LYS A 565 2.26 -24.23 9.60
N LEU A 566 2.21 -22.95 9.86
CA LEU A 566 2.65 -22.59 11.17
C LEU A 566 1.35 -22.42 11.93
N PHE A 567 1.35 -22.56 13.26
CA PHE A 567 0.28 -21.90 13.99
C PHE A 567 0.75 -21.22 15.24
N HIS A 568 -0.14 -20.52 15.97
CA HIS A 568 0.25 -20.04 17.30
C HIS A 568 -0.12 -20.88 18.49
N ILE A 569 0.29 -20.43 19.64
CA ILE A 569 -0.01 -21.11 20.88
C ILE A 569 0.12 -20.15 22.05
N ASP A 570 -0.48 -20.49 23.19
CA ASP A 570 -0.22 -19.77 24.46
C ASP A 570 -0.51 -18.28 24.36
N PHE A 571 -1.80 -17.98 24.20
CA PHE A 571 -2.22 -16.59 24.15
C PHE A 571 -2.51 -16.13 25.56
N GLY A 572 -1.43 -15.88 26.29
CA GLY A 572 -1.49 -15.32 27.62
C GLY A 572 -1.69 -13.82 27.52
N TYR A 573 -1.15 -13.20 26.48
CA TYR A 573 -1.30 -11.74 26.35
C TYR A 573 -2.20 -11.30 25.20
N ILE A 574 -3.29 -10.60 25.54
CA ILE A 574 -4.39 -10.35 24.60
C ILE A 574 -4.71 -8.85 24.51
N LEU A 575 -5.13 -8.39 23.33
CA LEU A 575 -5.60 -7.03 23.13
C LEU A 575 -4.53 -6.04 23.48
N GLY A 576 -3.39 -6.18 22.79
CA GLY A 576 -2.26 -5.28 22.94
C GLY A 576 -1.50 -5.18 24.25
N ARG A 577 -1.70 -6.13 25.16
CA ARG A 577 -0.85 -6.10 26.32
C ARG A 577 0.40 -6.88 25.97
N ASP A 578 1.56 -6.28 26.14
CA ASP A 578 2.79 -6.98 25.91
C ASP A 578 3.69 -6.64 27.04
N PRO A 579 4.59 -7.56 27.43
CA PRO A 579 5.50 -7.24 28.50
C PRO A 579 6.56 -6.22 28.06
N LYS A 580 6.91 -6.21 26.77
CA LYS A 580 7.82 -5.19 26.20
C LYS A 580 7.11 -3.85 26.02
N PRO A 581 7.85 -2.73 26.09
CA PRO A 581 7.27 -1.41 25.92
C PRO A 581 6.74 -1.11 24.52
N MET A 582 7.38 -1.65 23.48
CA MET A 582 6.90 -1.36 22.13
C MET A 582 6.86 -2.51 21.16
N PRO A 583 5.69 -3.16 21.06
CA PRO A 583 5.57 -4.22 20.08
C PRO A 583 5.65 -3.61 18.71
N PRO A 584 6.03 -4.40 17.69
CA PRO A 584 5.76 -4.16 16.29
C PRO A 584 4.29 -4.37 16.10
N PRO A 585 3.65 -3.67 15.15
CA PRO A 585 2.21 -3.85 14.84
C PRO A 585 1.89 -5.25 14.26
N MET A 586 2.79 -5.78 13.45
CA MET A 586 2.62 -7.11 12.98
C MET A 586 3.76 -7.94 13.46
N LYS A 587 3.47 -9.20 13.75
CA LYS A 587 4.43 -10.01 14.45
C LYS A 587 5.03 -11.03 13.50
N LEU A 588 6.16 -10.67 12.90
CA LEU A 588 6.86 -11.60 12.03
C LEU A 588 8.32 -11.67 12.43
N SER A 589 8.99 -12.75 12.02
CA SER A 589 10.36 -12.95 12.39
C SER A 589 11.27 -13.02 11.18
N LYS A 590 12.51 -12.57 11.32
CA LYS A 590 13.52 -12.63 10.24
C LYS A 590 13.57 -14.02 9.68
N GLU A 591 13.47 -14.99 10.58
CA GLU A 591 13.59 -16.42 10.31
C GLU A 591 12.46 -16.85 9.39
N MET A 592 11.32 -16.20 9.61
CA MET A 592 10.07 -16.52 8.97
C MET A 592 10.05 -15.85 7.61
N VAL A 593 10.66 -14.68 7.51
CA VAL A 593 10.52 -13.90 6.28
C VAL A 593 11.44 -14.53 5.28
N GLU A 594 12.56 -15.04 5.76
CA GLU A 594 13.56 -15.70 4.93
C GLU A 594 12.95 -16.99 4.39
N ALA A 595 12.01 -17.56 5.12
CA ALA A 595 11.31 -18.78 4.72
C ALA A 595 10.62 -18.46 3.40
N MET A 596 10.21 -17.21 3.22
CA MET A 596 9.45 -16.79 2.06
C MET A 596 10.43 -16.39 0.97
N GLY A 597 11.69 -16.16 1.30
CA GLY A 597 12.72 -15.79 0.33
C GLY A 597 13.07 -14.32 0.23
N GLY A 598 12.77 -13.52 1.26
CA GLY A 598 13.07 -12.08 1.21
C GLY A 598 12.00 -11.34 0.43
N ILE A 599 12.25 -10.06 0.16
CA ILE A 599 11.22 -9.12 -0.33
C ILE A 599 10.58 -9.36 -1.71
N SER A 600 11.39 -9.44 -2.77
CA SER A 600 10.85 -10.06 -3.98
C SER A 600 11.05 -11.57 -3.83
N SER A 601 9.95 -12.25 -3.59
CA SER A 601 9.90 -13.66 -3.83
C SER A 601 8.62 -13.61 -4.55
N GLU A 602 8.44 -14.49 -5.52
CA GLU A 602 7.11 -14.66 -6.06
C GLU A 602 6.31 -14.92 -4.79
N HIS A 603 6.96 -15.60 -3.84
CA HIS A 603 6.33 -16.13 -2.63
C HIS A 603 6.02 -15.07 -1.63
N HIS A 604 6.85 -14.04 -1.49
CA HIS A 604 6.56 -13.11 -0.42
C HIS A 604 5.40 -12.26 -0.90
N HIS A 605 5.36 -12.03 -2.21
CA HIS A 605 4.37 -11.12 -2.78
C HIS A 605 3.02 -11.80 -2.59
N GLU A 606 3.06 -13.11 -2.77
CA GLU A 606 1.93 -14.00 -2.66
C GLU A 606 1.34 -13.86 -1.26
N PHE A 607 2.21 -13.74 -0.25
CA PHE A 607 1.83 -13.68 1.16
C PHE A 607 1.13 -12.39 1.46
N ARG A 608 1.60 -11.26 0.93
CA ARG A 608 1.02 -9.99 1.36
C ARG A 608 -0.34 -9.92 0.77
N LYS A 609 -0.44 -10.37 -0.47
CA LYS A 609 -1.68 -10.37 -1.24
C LYS A 609 -2.75 -11.14 -0.43
N GLN A 610 -2.32 -12.25 0.16
CA GLN A 610 -3.17 -13.17 0.90
C GLN A 610 -3.64 -12.53 2.18
N CYS A 611 -2.79 -11.73 2.83
CA CYS A 611 -3.19 -11.07 4.08
C CYS A 611 -4.25 -10.07 3.74
N TYR A 612 -4.15 -9.43 2.58
CA TYR A 612 -5.02 -8.29 2.29
C TYR A 612 -6.40 -8.83 2.07
N THR A 613 -6.49 -9.94 1.34
CA THR A 613 -7.80 -10.48 0.98
C THR A 613 -8.46 -10.98 2.27
N ALA A 614 -7.64 -11.43 3.23
CA ALA A 614 -8.13 -12.10 4.44
C ALA A 614 -8.69 -11.00 5.29
N TYR A 615 -8.07 -9.83 5.21
CA TYR A 615 -8.37 -8.75 6.12
C TYR A 615 -9.67 -8.22 5.66
N LEU A 616 -9.83 -8.15 4.34
CA LEU A 616 -11.02 -7.55 3.71
C LEU A 616 -12.20 -8.45 4.00
N HIS A 617 -11.97 -9.75 3.98
CA HIS A 617 -13.05 -10.67 4.14
C HIS A 617 -13.53 -10.59 5.55
N LEU A 618 -12.64 -10.28 6.48
CA LEU A 618 -12.98 -10.39 7.89
C LEU A 618 -13.70 -9.13 8.26
N ARG A 619 -13.37 -8.04 7.59
CA ARG A 619 -13.94 -6.75 7.89
C ARG A 619 -15.41 -6.88 7.62
N ARG A 620 -15.76 -7.72 6.67
CA ARG A 620 -17.13 -7.88 6.23
C ARG A 620 -17.96 -8.59 7.32
N HIS A 621 -17.32 -9.45 8.11
CA HIS A 621 -18.07 -10.37 8.96
C HIS A 621 -18.05 -9.87 10.39
N ALA A 622 -17.70 -8.61 10.53
CA ALA A 622 -17.45 -7.96 11.82
C ALA A 622 -18.57 -8.17 12.82
N ASN A 623 -19.79 -7.82 12.42
CA ASN A 623 -20.97 -7.93 13.24
C ASN A 623 -20.94 -9.16 14.15
N VAL A 624 -20.51 -10.30 13.64
CA VAL A 624 -20.55 -11.57 14.39
C VAL A 624 -19.51 -11.52 15.47
N MET A 625 -18.34 -10.99 15.16
CA MET A 625 -17.23 -11.03 16.10
C MET A 625 -17.45 -10.02 17.18
N LEU A 626 -18.16 -8.94 16.88
CA LEU A 626 -18.26 -7.83 17.81
C LEU A 626 -19.27 -8.21 18.85
N ASN A 627 -20.32 -8.90 18.42
CA ASN A 627 -21.42 -9.22 19.33
C ASN A 627 -20.88 -10.22 20.32
N LEU A 628 -20.06 -11.14 19.85
CA LEU A 628 -19.47 -12.19 20.69
C LEU A 628 -18.63 -11.53 21.80
N PHE A 629 -17.99 -10.41 21.49
CA PHE A 629 -17.17 -9.65 22.44
C PHE A 629 -18.05 -8.78 23.34
N SER A 630 -19.17 -8.33 22.79
CA SER A 630 -20.14 -7.56 23.54
C SER A 630 -20.56 -8.44 24.71
N LEU A 631 -20.41 -9.76 24.55
CA LEU A 631 -21.04 -10.68 25.48
C LEU A 631 -20.03 -11.16 26.50
N MET A 632 -18.77 -10.85 26.24
CA MET A 632 -17.68 -11.21 27.15
C MET A 632 -17.31 -10.05 28.05
N VAL A 633 -18.16 -9.02 28.13
CA VAL A 633 -17.80 -7.85 28.91
C VAL A 633 -17.45 -8.26 30.31
N ASP A 634 -18.26 -9.14 30.90
CA ASP A 634 -18.08 -9.47 32.30
C ASP A 634 -17.46 -10.83 32.41
N ALA A 635 -16.49 -11.09 31.53
CA ALA A 635 -16.02 -12.44 31.20
C ALA A 635 -15.15 -13.17 32.21
N THR A 636 -14.33 -12.47 32.96
CA THR A 636 -13.33 -13.11 33.87
C THR A 636 -12.15 -13.72 33.08
N VAL A 637 -11.92 -13.16 31.90
CA VAL A 637 -10.67 -13.28 31.19
C VAL A 637 -9.78 -12.12 31.66
N PRO A 638 -8.58 -12.43 32.17
CA PRO A 638 -7.67 -11.45 32.77
C PRO A 638 -7.44 -10.20 31.95
N ASP A 639 -7.20 -10.37 30.66
CA ASP A 639 -6.83 -9.29 29.75
C ASP A 639 -8.00 -8.38 29.49
N ILE A 640 -9.21 -8.90 29.62
CA ILE A 640 -10.44 -8.16 29.34
C ILE A 640 -10.78 -7.31 30.57
N ALA A 641 -10.44 -7.83 31.75
CA ALA A 641 -10.87 -7.24 33.02
C ALA A 641 -10.18 -5.91 33.35
N LEU A 642 -9.02 -5.64 32.74
CA LEU A 642 -8.25 -4.42 33.04
C LEU A 642 -8.96 -3.13 32.61
N GLU A 643 -9.58 -3.19 31.43
CA GLU A 643 -10.67 -2.29 31.09
C GLU A 643 -11.64 -3.02 30.18
N PRO A 644 -12.75 -3.55 30.79
CA PRO A 644 -13.81 -4.27 30.09
C PRO A 644 -14.50 -3.40 29.05
N ASP A 645 -14.63 -2.11 29.34
CA ASP A 645 -15.29 -1.17 28.43
C ASP A 645 -14.58 -1.05 27.10
N LYS A 646 -13.25 -1.01 27.15
CA LYS A 646 -12.48 -0.87 25.92
C LYS A 646 -12.22 -2.23 25.25
N ALA A 647 -12.64 -3.33 25.87
CA ALA A 647 -12.46 -4.67 25.29
C ALA A 647 -12.95 -4.79 23.85
N VAL A 648 -14.11 -4.21 23.57
CA VAL A 648 -14.75 -4.37 22.26
C VAL A 648 -14.25 -3.22 21.41
N LYS A 649 -14.06 -2.06 22.06
CA LYS A 649 -13.66 -0.81 21.39
C LYS A 649 -12.34 -1.04 20.68
N LYS A 650 -11.51 -1.92 21.26
CA LYS A 650 -10.10 -2.13 20.86
C LYS A 650 -10.05 -2.98 19.62
N VAL A 651 -10.99 -3.91 19.48
CA VAL A 651 -11.00 -4.82 18.36
C VAL A 651 -11.58 -4.05 17.19
N GLU A 652 -12.45 -3.10 17.47
CA GLU A 652 -13.06 -2.34 16.40
C GLU A 652 -11.93 -1.52 15.77
N GLU A 653 -11.02 -0.97 16.58
CA GLU A 653 -10.01 -0.07 16.06
C GLU A 653 -9.13 -0.89 15.13
N ASN A 654 -8.88 -2.15 15.47
CA ASN A 654 -7.95 -2.95 14.70
C ASN A 654 -8.60 -3.26 13.38
N LEU A 655 -9.94 -3.26 13.38
CA LEU A 655 -10.70 -3.73 12.24
C LEU A 655 -10.76 -2.63 11.20
N GLN A 656 -10.59 -1.40 11.67
CA GLN A 656 -10.45 -0.21 10.84
C GLN A 656 -11.64 0.02 9.93
N LEU A 657 -12.83 -0.12 10.52
CA LEU A 657 -14.09 -0.10 9.79
C LEU A 657 -14.49 1.24 9.17
N GLY A 658 -13.82 2.31 9.57
CA GLY A 658 -14.09 3.60 9.00
C GLY A 658 -13.72 3.57 7.54
N LEU A 659 -12.51 3.11 7.25
CA LEU A 659 -11.86 3.33 5.95
C LEU A 659 -12.47 2.56 4.76
N THR A 660 -12.27 3.09 3.56
CA THR A 660 -12.64 2.37 2.35
C THR A 660 -11.69 1.21 2.17
N ASP A 661 -12.12 0.19 1.45
CA ASP A 661 -11.28 -0.97 1.11
C ASP A 661 -9.92 -0.63 0.53
N GLU A 662 -9.86 0.35 -0.36
CA GLU A 662 -8.58 0.72 -0.95
C GLU A 662 -7.76 1.26 0.21
N GLU A 663 -8.41 1.95 1.14
CA GLU A 663 -7.77 2.70 2.23
C GLU A 663 -7.34 1.72 3.30
N ALA A 664 -8.09 0.64 3.44
CA ALA A 664 -7.91 -0.26 4.56
C ALA A 664 -6.69 -1.06 4.21
N VAL A 665 -6.58 -1.45 2.95
CA VAL A 665 -5.48 -2.28 2.56
C VAL A 665 -4.25 -1.44 2.76
N GLN A 666 -4.32 -0.15 2.43
CA GLN A 666 -3.12 0.69 2.36
C GLN A 666 -2.61 0.82 3.76
N HIS A 667 -3.56 0.93 4.70
CA HIS A 667 -3.26 1.14 6.13
C HIS A 667 -2.57 -0.12 6.66
N LEU A 668 -3.10 -1.29 6.30
CA LEU A 668 -2.58 -2.59 6.75
C LEU A 668 -1.23 -2.78 6.10
N GLN A 669 -1.14 -2.39 4.84
CA GLN A 669 0.07 -2.56 4.08
C GLN A 669 1.13 -1.86 4.88
N SER A 670 0.75 -0.71 5.44
CA SER A 670 1.69 0.13 6.12
C SER A 670 2.31 -0.63 7.30
N LEU A 671 1.48 -1.38 8.03
CA LEU A 671 1.89 -1.98 9.30
C LEU A 671 2.85 -3.10 9.00
N LEU A 672 2.61 -3.84 7.93
CA LEU A 672 3.46 -4.98 7.62
C LEU A 672 4.86 -4.46 7.35
N ASP A 673 4.93 -3.29 6.72
CA ASP A 673 6.18 -2.78 6.17
C ASP A 673 7.06 -2.32 7.30
N VAL A 674 6.48 -1.73 8.34
CA VAL A 674 7.34 -1.13 9.36
C VAL A 674 7.84 -2.38 10.04
N SER A 675 7.00 -3.38 10.15
CA SER A 675 7.34 -4.50 10.99
C SER A 675 8.43 -5.27 10.29
N ILE A 676 8.30 -5.50 8.98
CA ILE A 676 9.31 -6.26 8.24
C ILE A 676 10.62 -5.49 8.17
N THR A 677 10.58 -4.18 8.08
CA THR A 677 11.83 -3.45 7.88
C THR A 677 12.56 -3.57 9.23
N ALA A 678 11.81 -3.58 10.32
CA ALA A 678 12.46 -3.49 11.60
C ALA A 678 13.11 -4.84 11.86
N VAL A 679 12.52 -5.88 11.29
CA VAL A 679 12.96 -7.25 11.46
C VAL A 679 14.23 -7.59 10.66
N MET A 680 14.27 -7.17 9.40
CA MET A 680 15.40 -7.44 8.47
C MET A 680 16.62 -6.60 8.75
N PRO A 681 17.83 -7.22 8.74
CA PRO A 681 19.06 -6.49 9.07
C PRO A 681 19.45 -5.47 7.97
N ALA A 682 19.30 -5.85 6.70
CA ALA A 682 19.63 -5.05 5.53
C ALA A 682 18.72 -3.86 5.36
N LEU A 683 17.50 -3.97 5.84
CA LEU A 683 16.47 -2.98 5.54
C LEU A 683 16.74 -1.82 6.46
N VAL A 684 17.31 -2.13 7.62
CA VAL A 684 17.67 -1.10 8.58
C VAL A 684 18.95 -0.39 8.10
N GLU A 685 19.85 -1.11 7.40
CA GLU A 685 21.12 -0.57 6.91
C GLU A 685 20.76 0.41 5.81
N GLN A 686 19.76 0.03 5.02
CA GLN A 686 19.33 0.82 3.89
C GLN A 686 18.71 2.12 4.39
N ILE A 687 17.98 2.09 5.49
CA ILE A 687 17.35 3.28 6.00
C ILE A 687 18.45 4.17 6.55
N HIS A 688 19.49 3.59 7.14
CA HIS A 688 20.54 4.41 7.76
C HIS A 688 21.19 5.16 6.62
N ARG A 689 21.33 4.50 5.48
CA ARG A 689 21.94 5.08 4.29
C ARG A 689 21.12 6.28 3.78
N PHE A 690 19.80 6.22 3.91
CA PHE A 690 18.90 7.24 3.37
C PHE A 690 18.98 8.46 4.27
N THR A 691 19.16 8.23 5.58
CA THR A 691 19.29 9.29 6.58
C THR A 691 20.55 10.09 6.19
N GLN A 692 21.51 9.35 5.64
CA GLN A 692 22.87 9.81 5.40
C GLN A 692 22.90 10.67 4.17
N TYR A 693 21.95 10.44 3.27
CA TYR A 693 21.93 11.08 1.98
C TYR A 693 21.78 12.59 2.09
N TRP A 694 20.90 13.04 2.99
CA TRP A 694 20.69 14.47 3.19
C TRP A 694 21.77 15.03 4.07
N ARG A 695 22.52 14.12 4.65
CA ARG A 695 23.55 14.41 5.64
C ARG A 695 23.10 15.55 6.56
N SER B 39 -17.83 -9.40 -27.90
CA SER B 39 -18.20 -10.36 -26.83
C SER B 39 -17.40 -10.09 -25.56
N ILE B 40 -16.69 -11.13 -25.07
CA ILE B 40 -15.68 -11.01 -23.98
C ILE B 40 -14.36 -10.48 -24.59
N ARG B 41 -14.18 -10.70 -25.89
CA ARG B 41 -13.08 -10.12 -26.70
C ARG B 41 -13.15 -8.60 -26.76
N ASP B 42 -14.35 -8.07 -26.49
CA ASP B 42 -14.62 -6.62 -26.48
C ASP B 42 -13.75 -5.88 -25.44
N GLN B 43 -13.66 -6.45 -24.23
CA GLN B 43 -12.83 -5.90 -23.14
C GLN B 43 -11.34 -6.14 -23.44
N LEU B 44 -10.98 -7.40 -23.75
CA LEU B 44 -9.61 -7.81 -24.07
C LEU B 44 -9.03 -7.04 -25.26
N HIS B 45 -9.93 -6.63 -26.18
CA HIS B 45 -9.58 -5.70 -27.23
C HIS B 45 -9.15 -4.37 -26.59
N THR B 46 -10.05 -3.74 -25.83
CA THR B 46 -9.80 -2.38 -25.28
C THR B 46 -8.55 -2.29 -24.40
N ILE B 47 -8.10 -3.43 -23.86
CA ILE B 47 -6.86 -3.50 -23.06
C ILE B 47 -5.61 -3.30 -23.91
N VAL B 48 -5.65 -3.75 -25.16
CA VAL B 48 -4.51 -3.61 -26.07
C VAL B 48 -4.54 -2.23 -26.77
N TYR B 49 -5.68 -1.56 -26.66
CA TYR B 49 -5.85 -0.22 -27.19
C TYR B 49 -5.40 0.78 -26.16
N ARG B 50 -6.09 0.81 -25.03
CA ARG B 50 -5.85 1.83 -24.02
C ARG B 50 -4.57 1.63 -23.17
N TYR B 51 -4.18 0.37 -22.93
CA TYR B 51 -3.04 0.09 -22.02
C TYR B 51 -1.62 0.01 -22.65
N PRO B 52 -1.19 -1.18 -23.16
CA PRO B 52 0.13 -1.29 -23.78
C PRO B 52 0.65 -0.03 -24.50
N PRO B 53 1.91 0.34 -24.28
CA PRO B 53 2.54 1.52 -24.88
C PRO B 53 3.58 1.27 -25.98
N THR B 54 4.33 0.16 -25.83
CA THR B 54 5.30 -0.35 -26.82
C THR B 54 5.59 -1.82 -26.47
N TYR B 55 5.01 -2.74 -27.24
CA TYR B 55 4.85 -4.13 -26.78
C TYR B 55 5.26 -5.24 -27.75
N VAL B 56 5.96 -6.24 -27.21
CA VAL B 56 6.12 -7.51 -27.88
C VAL B 56 4.75 -8.19 -27.84
N LEU B 57 4.09 -8.08 -26.66
CA LEU B 57 2.95 -8.93 -26.20
C LEU B 57 2.20 -9.70 -27.29
N SER B 58 2.12 -11.01 -27.08
CA SER B 58 1.33 -11.91 -27.91
C SER B 58 1.72 -11.79 -29.39
N SER B 59 2.90 -12.34 -29.71
CA SER B 59 3.44 -12.35 -31.07
C SER B 59 2.63 -13.24 -32.02
N GLU B 60 2.14 -14.38 -31.51
CA GLU B 60 1.20 -15.19 -32.26
C GLU B 60 -0.13 -14.45 -32.37
N GLU B 61 -0.39 -13.62 -31.36
CA GLU B 61 -1.66 -12.93 -31.22
C GLU B 61 -1.69 -11.59 -31.95
N GLN B 62 -0.51 -11.16 -32.42
CA GLN B 62 -0.36 -9.94 -33.22
C GLN B 62 -1.22 -10.02 -34.48
N ASP B 63 -1.23 -11.20 -35.10
CA ASP B 63 -1.95 -11.42 -36.35
C ASP B 63 -3.33 -12.08 -36.15
N LEU B 64 -3.71 -12.34 -34.90
CA LEU B 64 -5.04 -12.87 -34.61
C LEU B 64 -6.10 -11.80 -34.34
N VAL B 65 -5.69 -10.66 -33.78
CA VAL B 65 -6.57 -9.49 -33.68
C VAL B 65 -7.07 -9.05 -35.07
N TRP B 66 -6.35 -9.48 -36.11
CA TRP B 66 -6.60 -9.14 -37.52
C TRP B 66 -7.99 -9.40 -38.09
N LYS B 67 -8.60 -10.50 -37.66
CA LYS B 67 -9.92 -10.89 -38.15
C LYS B 67 -10.99 -9.87 -37.71
N PHE B 68 -10.92 -9.46 -36.45
CA PHE B 68 -11.89 -8.52 -35.88
C PHE B 68 -11.33 -7.10 -35.96
N ARG B 69 -10.23 -6.96 -36.71
CA ARG B 69 -9.47 -5.71 -36.84
C ARG B 69 -9.97 -4.78 -37.94
N PHE B 70 -10.30 -5.36 -39.09
CA PHE B 70 -10.91 -4.60 -40.18
C PHE B 70 -12.14 -3.86 -39.64
N TYR B 71 -12.89 -4.53 -38.75
CA TYR B 71 -14.16 -4.01 -38.25
C TYR B 71 -13.96 -2.88 -37.21
N LEU B 72 -13.25 -3.17 -36.11
CA LEU B 72 -13.01 -2.15 -35.07
C LEU B 72 -11.83 -1.22 -35.36
N SER B 73 -11.62 -0.95 -36.66
CA SER B 73 -10.75 0.13 -37.11
C SER B 73 -11.43 1.46 -36.81
N SER B 74 -12.64 1.37 -36.28
CA SER B 74 -13.50 2.51 -35.99
C SER B 74 -12.90 3.51 -35.00
N HIS B 75 -11.96 3.07 -34.18
CA HIS B 75 -11.35 3.99 -33.21
C HIS B 75 -9.87 4.27 -33.38
N LYS B 76 -9.50 5.52 -33.07
CA LYS B 76 -8.21 6.14 -33.40
C LYS B 76 -6.96 5.38 -32.96
N LYS B 77 -6.82 5.16 -31.65
CA LYS B 77 -5.63 4.53 -31.07
C LYS B 77 -5.32 3.15 -31.70
N ALA B 78 -6.36 2.38 -32.02
CA ALA B 78 -6.21 1.09 -32.67
C ALA B 78 -5.09 1.05 -33.71
N LEU B 79 -4.99 2.12 -34.50
CA LEU B 79 -4.10 2.19 -35.64
C LEU B 79 -2.63 1.92 -35.31
N THR B 80 -2.14 2.52 -34.22
CA THR B 80 -0.73 2.39 -33.83
C THR B 80 -0.36 0.94 -33.64
N LYS B 81 -1.26 0.19 -33.00
CA LYS B 81 -1.05 -1.22 -32.75
C LYS B 81 -1.17 -2.00 -34.06
N PHE B 82 -2.19 -1.67 -34.86
CA PHE B 82 -2.44 -2.31 -36.17
C PHE B 82 -1.14 -2.50 -36.93
N LEU B 83 -0.35 -1.42 -37.02
CA LEU B 83 0.85 -1.37 -37.83
C LEU B 83 1.99 -2.26 -37.36
N LYS B 84 1.99 -2.59 -36.06
CA LYS B 84 3.12 -3.26 -35.43
C LYS B 84 3.40 -4.68 -35.94
N CYS B 85 2.42 -5.23 -36.66
CA CYS B 85 2.42 -6.65 -37.00
C CYS B 85 2.60 -6.97 -38.50
N ILE B 86 1.92 -6.19 -39.35
CA ILE B 86 1.76 -6.53 -40.78
C ILE B 86 3.02 -6.46 -41.66
N ASN B 87 3.89 -5.48 -41.38
CA ASN B 87 5.15 -5.33 -42.14
C ASN B 87 6.14 -6.48 -41.89
N TRP B 88 5.97 -7.14 -40.73
CA TRP B 88 6.75 -8.32 -40.31
C TRP B 88 6.79 -9.45 -41.36
N LYS B 89 5.77 -9.50 -42.23
CA LYS B 89 5.79 -10.44 -43.36
C LYS B 89 6.02 -9.70 -44.69
N LEU B 90 6.39 -10.48 -45.71
CA LEU B 90 7.05 -9.96 -46.91
C LEU B 90 6.22 -8.98 -47.76
N GLU B 91 5.63 -9.48 -48.85
CA GLU B 91 5.29 -8.61 -49.99
C GLU B 91 3.82 -8.13 -50.04
N ASP B 92 2.92 -8.86 -49.39
CA ASP B 92 1.49 -8.72 -49.71
C ASP B 92 0.65 -7.89 -48.75
N GLU B 93 0.82 -8.10 -47.44
CA GLU B 93 0.08 -7.33 -46.40
C GLU B 93 0.21 -5.84 -46.69
N VAL B 94 1.39 -5.49 -47.18
CA VAL B 94 1.81 -4.12 -47.45
C VAL B 94 0.74 -3.32 -48.19
N THR B 95 0.35 -3.79 -49.38
CA THR B 95 -0.61 -3.07 -50.22
C THR B 95 -2.01 -2.94 -49.58
N GLN B 96 -2.39 -3.93 -48.77
CA GLN B 96 -3.72 -3.99 -48.18
C GLN B 96 -3.86 -3.11 -46.95
N ALA B 97 -2.78 -3.05 -46.17
CA ALA B 97 -2.75 -2.33 -44.91
C ALA B 97 -2.81 -0.80 -45.05
N LEU B 98 -2.20 -0.25 -46.10
CA LEU B 98 -2.26 1.21 -46.34
C LEU B 98 -3.70 1.60 -46.66
N TRP B 99 -4.37 0.79 -47.48
CA TRP B 99 -5.79 1.00 -47.77
C TRP B 99 -6.58 1.04 -46.47
N MET B 100 -6.20 0.16 -45.54
CA MET B 100 -6.69 0.17 -44.17
C MET B 100 -6.24 1.44 -43.45
N LEU B 101 -5.00 1.87 -43.71
CA LEU B 101 -4.41 3.01 -43.03
C LEU B 101 -5.02 4.31 -43.50
N ALA B 102 -5.22 4.42 -44.82
CA ALA B 102 -5.73 5.66 -45.42
C ALA B 102 -7.16 5.87 -44.99
N ASN B 103 -7.87 4.75 -44.83
CA ASN B 103 -9.25 4.78 -44.38
C ASN B 103 -9.38 5.03 -42.86
N TRP B 104 -8.36 4.64 -42.09
CA TRP B 104 -8.47 4.57 -40.62
C TRP B 104 -8.89 5.87 -39.94
N ALA B 105 -9.76 5.75 -38.93
CA ALA B 105 -10.11 6.87 -38.07
C ALA B 105 -8.82 7.61 -37.71
N PRO B 106 -8.79 8.95 -37.91
CA PRO B 106 -7.55 9.71 -38.00
C PRO B 106 -6.75 9.71 -36.70
N MET B 107 -5.51 10.18 -36.79
CA MET B 107 -4.54 10.09 -35.69
C MET B 107 -4.48 11.26 -34.71
N ASP B 108 -4.31 10.89 -33.44
CA ASP B 108 -3.82 11.80 -32.43
C ASP B 108 -2.36 11.99 -32.77
N VAL B 109 -1.79 13.12 -32.38
CA VAL B 109 -0.43 13.43 -32.77
C VAL B 109 0.59 12.47 -32.16
N GLU B 110 0.24 11.88 -31.02
CA GLU B 110 1.18 11.08 -30.25
C GLU B 110 1.57 9.79 -30.94
N ASP B 111 0.60 9.07 -31.47
CA ASP B 111 0.93 7.96 -32.34
C ASP B 111 2.05 8.39 -33.29
N ALA B 112 1.90 9.56 -33.90
CA ALA B 112 2.79 9.99 -34.97
C ALA B 112 4.23 10.01 -34.50
N LEU B 113 4.47 10.38 -33.25
CA LEU B 113 5.82 10.37 -32.70
C LEU B 113 6.43 8.96 -32.80
N GLU B 114 5.63 7.93 -32.48
CA GLU B 114 5.99 6.51 -32.63
C GLU B 114 6.42 6.14 -34.06
N LEU B 115 5.76 6.73 -35.05
CA LEU B 115 5.93 6.34 -36.45
C LEU B 115 7.16 7.01 -37.07
N LEU B 116 7.60 8.11 -36.48
CA LEU B 116 8.81 8.74 -36.98
C LEU B 116 10.04 7.96 -36.55
N SER B 117 9.89 7.17 -35.48
CA SER B 117 10.98 6.44 -34.80
C SER B 117 11.63 5.33 -35.62
N PRO B 118 12.80 4.81 -35.18
CA PRO B 118 13.65 4.00 -36.06
C PRO B 118 13.11 2.59 -36.25
N THR B 119 12.01 2.30 -35.55
CA THR B 119 11.38 0.99 -35.59
C THR B 119 10.56 0.82 -36.88
N PHE B 120 9.66 1.77 -37.17
CA PHE B 120 8.88 1.80 -38.43
C PHE B 120 9.68 2.34 -39.61
N THR B 121 10.08 1.46 -40.51
CA THR B 121 10.94 1.82 -41.65
C THR B 121 10.22 2.31 -42.91
N HIS B 122 8.94 1.97 -43.06
CA HIS B 122 8.15 2.22 -44.28
C HIS B 122 7.87 3.70 -44.62
N PRO B 123 8.13 4.12 -45.88
CA PRO B 123 8.02 5.52 -46.33
C PRO B 123 6.61 6.14 -46.34
N GLN B 124 5.58 5.30 -46.42
CA GLN B 124 4.21 5.81 -46.45
C GLN B 124 3.78 6.16 -45.04
N VAL B 125 4.08 5.28 -44.09
CA VAL B 125 3.72 5.52 -42.70
C VAL B 125 4.43 6.74 -42.14
N ARG B 126 5.66 6.98 -42.62
CA ARG B 126 6.39 8.17 -42.21
C ARG B 126 5.80 9.41 -42.86
N LYS B 127 5.41 9.29 -44.12
CA LYS B 127 4.60 10.32 -44.76
C LYS B 127 3.33 10.53 -43.91
N TYR B 128 2.66 9.43 -43.57
CA TYR B 128 1.41 9.53 -42.83
C TYR B 128 1.65 10.32 -41.57
N ALA B 129 2.72 9.97 -40.85
CA ALA B 129 3.00 10.58 -39.56
C ALA B 129 3.18 12.09 -39.71
N VAL B 130 3.82 12.49 -40.80
CA VAL B 130 4.04 13.90 -41.07
C VAL B 130 2.73 14.63 -41.39
N SER B 131 1.81 13.99 -42.11
CA SER B 131 0.50 14.58 -42.42
C SER B 131 -0.28 14.82 -41.14
N ARG B 132 0.05 14.02 -40.13
CA ARG B 132 -0.52 14.15 -38.80
C ARG B 132 0.04 15.37 -38.10
N LEU B 133 1.36 15.47 -38.10
CA LEU B 133 2.04 16.62 -37.54
C LEU B 133 1.52 17.91 -38.13
N ALA B 134 1.18 17.88 -39.41
CA ALA B 134 0.70 19.05 -40.14
C ALA B 134 -0.49 19.68 -39.44
N GLN B 135 -1.41 18.84 -38.98
CA GLN B 135 -2.63 19.27 -38.30
C GLN B 135 -2.42 19.91 -36.93
N ALA B 136 -1.32 19.55 -36.25
CA ALA B 136 -1.03 20.08 -34.91
C ALA B 136 -0.77 21.58 -34.90
N PRO B 137 -1.30 22.29 -33.90
CA PRO B 137 -1.02 23.71 -33.74
C PRO B 137 0.45 23.92 -33.40
N ASP B 138 0.99 25.12 -33.66
CA ASP B 138 2.41 25.44 -33.48
C ASP B 138 2.92 25.18 -32.06
N GLU B 139 2.17 25.65 -31.05
CA GLU B 139 2.54 25.44 -29.66
C GLU B 139 2.93 23.99 -29.38
N ASP B 140 2.19 23.04 -29.95
CA ASP B 140 2.50 21.62 -29.79
C ASP B 140 3.78 21.23 -30.50
N LEU B 141 4.03 21.83 -31.66
CA LEU B 141 5.25 21.55 -32.38
C LEU B 141 6.40 22.09 -31.58
N LEU B 142 6.20 23.19 -30.87
CA LEU B 142 7.23 23.70 -30.01
C LEU B 142 7.71 22.68 -28.99
N LEU B 143 6.79 22.04 -28.26
CA LEU B 143 7.21 21.05 -27.26
C LEU B 143 7.96 19.90 -27.93
N TYR B 144 7.30 19.27 -28.89
CA TYR B 144 7.85 18.12 -29.57
C TYR B 144 9.07 18.49 -30.41
N LEU B 145 9.28 19.78 -30.58
CA LEU B 145 10.25 20.28 -31.56
C LEU B 145 11.60 19.67 -31.35
N LEU B 146 12.03 19.65 -30.10
CA LEU B 146 13.32 19.07 -29.73
C LEU B 146 13.50 17.65 -30.24
N GLN B 147 12.47 16.81 -30.04
CA GLN B 147 12.48 15.40 -30.46
C GLN B 147 12.41 15.28 -31.97
N LEU B 148 11.63 16.17 -32.57
CA LEU B 148 11.49 16.20 -34.01
C LEU B 148 12.83 16.44 -34.69
N VAL B 149 13.66 17.32 -34.13
CA VAL B 149 15.00 17.55 -34.66
C VAL B 149 15.79 16.25 -34.62
N GLN B 150 15.74 15.60 -33.47
CA GLN B 150 16.36 14.29 -33.30
C GLN B 150 15.84 13.30 -34.34
N ALA B 151 14.53 13.23 -34.52
CA ALA B 151 13.87 12.18 -35.33
C ALA B 151 14.29 12.24 -36.77
N LEU B 152 14.47 13.47 -37.23
CA LEU B 152 14.95 13.74 -38.56
C LEU B 152 16.26 12.95 -38.78
N LYS B 153 16.90 12.60 -37.67
CA LYS B 153 18.14 11.80 -37.62
C LYS B 153 17.91 10.43 -38.22
N TYR B 154 16.67 9.99 -38.24
CA TYR B 154 16.36 8.75 -38.92
C TYR B 154 16.09 9.03 -40.36
N GLU B 155 16.33 8.01 -41.16
CA GLU B 155 16.36 8.09 -42.62
C GLU B 155 15.04 8.64 -43.15
N ASP B 156 14.91 8.87 -44.46
CA ASP B 156 15.84 8.42 -45.48
C ASP B 156 16.85 9.53 -45.79
N PRO B 157 18.16 9.19 -45.86
CA PRO B 157 19.14 10.20 -46.28
C PRO B 157 18.82 10.77 -47.67
N ARG B 158 18.28 9.90 -48.54
CA ARG B 158 17.90 10.22 -49.93
C ARG B 158 17.03 11.48 -50.03
N HIS B 159 16.15 11.68 -49.06
CA HIS B 159 15.26 12.84 -49.00
C HIS B 159 15.99 14.17 -48.90
N ILE B 160 17.11 14.16 -48.17
CA ILE B 160 17.85 15.38 -47.86
C ILE B 160 18.80 15.73 -48.99
N VAL B 161 19.37 14.71 -49.63
CA VAL B 161 20.26 14.91 -50.77
C VAL B 161 19.48 15.32 -52.05
N HIS B 162 18.23 14.84 -52.16
CA HIS B 162 17.30 15.22 -53.22
C HIS B 162 16.98 16.71 -53.11
N LEU B 163 16.67 17.15 -51.90
CA LEU B 163 16.38 18.54 -51.60
C LEU B 163 17.62 19.40 -51.83
N HIS B 164 18.80 18.81 -51.61
CA HIS B 164 20.08 19.51 -51.80
C HIS B 164 20.27 19.81 -53.27
N GLY B 165 20.04 18.77 -54.08
CA GLY B 165 19.99 18.88 -55.55
C GLY B 165 18.88 19.83 -55.99
N CYS B 166 17.90 20.06 -55.11
CA CYS B 166 16.75 20.89 -55.41
C CYS B 166 16.92 22.36 -54.98
N ILE B 167 17.94 22.63 -54.15
CA ILE B 167 18.21 24.01 -53.74
C ILE B 167 19.48 24.56 -54.41
N PHE B 168 20.25 23.65 -55.02
CA PHE B 168 21.50 23.99 -55.71
C PHE B 168 21.68 23.15 -56.99
N ALA B 278 5.05 16.22 -48.70
CA ALA B 278 5.65 16.59 -47.41
C ALA B 278 6.44 15.40 -46.81
N ASN B 279 7.68 15.26 -47.24
CA ASN B 279 8.67 14.43 -46.56
C ASN B 279 9.05 15.16 -45.24
N LEU B 280 9.68 14.48 -44.26
CA LEU B 280 9.92 15.11 -42.93
C LEU B 280 10.70 16.44 -42.92
N CYS B 281 11.95 16.43 -43.37
CA CYS B 281 12.79 17.63 -43.33
C CYS B 281 12.12 18.83 -44.02
N THR B 282 11.61 18.61 -45.24
CA THR B 282 10.90 19.64 -45.97
C THR B 282 9.82 20.27 -45.07
N PHE B 283 9.07 19.44 -44.36
CA PHE B 283 7.99 19.92 -43.48
C PHE B 283 8.54 20.87 -42.43
N LEU B 284 9.57 20.42 -41.73
CA LEU B 284 10.16 21.21 -40.64
C LEU B 284 10.60 22.57 -41.14
N ILE B 285 11.32 22.59 -42.26
CA ILE B 285 11.77 23.83 -42.89
C ILE B 285 10.57 24.74 -43.15
N GLN B 286 9.61 24.25 -43.91
CA GLN B 286 8.53 25.09 -44.41
C GLN B 286 7.76 25.73 -43.27
N ARG B 287 7.52 24.97 -42.22
CA ARG B 287 6.85 25.48 -41.04
C ARG B 287 7.76 26.39 -40.25
N ALA B 288 9.05 26.07 -40.22
CA ALA B 288 10.03 26.90 -39.54
C ALA B 288 9.86 28.35 -40.02
N CYS B 289 9.69 28.55 -41.32
CA CYS B 289 9.59 29.89 -41.93
C CYS B 289 8.26 30.57 -41.64
N THR B 290 7.24 29.73 -41.43
CA THR B 290 5.87 30.15 -41.09
C THR B 290 5.83 30.95 -39.79
N ASN B 291 6.59 30.52 -38.78
CA ASN B 291 6.57 31.15 -37.46
C ASN B 291 7.94 31.61 -36.99
N ALA B 292 8.02 32.82 -36.46
CA ALA B 292 9.28 33.42 -36.08
C ALA B 292 9.90 32.89 -34.79
N THR B 293 9.07 32.69 -33.77
CA THR B 293 9.53 32.04 -32.51
C THR B 293 10.00 30.62 -32.83
N LEU B 294 9.16 29.89 -33.59
CA LEU B 294 9.47 28.55 -34.02
C LEU B 294 10.82 28.53 -34.73
N ALA B 295 10.99 29.41 -35.71
CA ALA B 295 12.22 29.44 -36.51
C ALA B 295 13.41 29.57 -35.59
N ASN B 296 13.26 30.39 -34.56
CA ASN B 296 14.35 30.66 -33.66
C ASN B 296 14.82 29.35 -33.02
N TYR B 297 13.87 28.60 -32.48
CA TYR B 297 14.21 27.41 -31.71
C TYR B 297 14.84 26.36 -32.59
N PHE B 298 14.21 26.12 -33.73
CA PHE B 298 14.79 25.27 -34.75
C PHE B 298 16.27 25.59 -34.97
N TYR B 299 16.58 26.84 -35.26
CA TYR B 299 17.96 27.19 -35.65
C TYR B 299 18.98 26.79 -34.60
N TRP B 300 18.73 27.20 -33.36
CA TRP B 300 19.64 26.97 -32.24
C TRP B 300 19.80 25.50 -31.90
N TYR B 301 18.73 24.75 -32.10
CA TYR B 301 18.72 23.32 -31.89
C TYR B 301 19.60 22.62 -32.89
N LEU B 302 19.52 23.05 -34.15
CA LEU B 302 20.40 22.53 -35.19
C LEU B 302 21.84 22.94 -34.98
N SER B 303 22.05 24.19 -34.57
CA SER B 303 23.39 24.77 -34.44
C SER B 303 24.26 24.09 -33.38
N ILE B 304 23.65 23.58 -32.31
CA ILE B 304 24.45 22.80 -31.38
C ILE B 304 24.90 21.53 -32.08
N GLU B 305 24.08 20.96 -32.96
CA GLU B 305 24.36 19.61 -33.45
C GLU B 305 25.43 19.54 -34.54
N VAL B 306 25.56 20.60 -35.32
CA VAL B 306 26.57 20.68 -36.38
C VAL B 306 27.92 21.13 -35.83
N GLU B 307 27.88 21.90 -34.74
CA GLU B 307 29.08 22.48 -34.13
C GLU B 307 30.34 21.58 -34.20
N ARG B 313 32.21 7.72 -31.92
CA ARG B 313 31.69 6.75 -32.88
C ARG B 313 31.81 7.22 -34.34
N LYS B 314 31.61 6.27 -35.26
CA LYS B 314 31.70 6.50 -36.70
C LYS B 314 30.34 6.89 -37.33
N GLN B 315 29.27 6.86 -36.50
CA GLN B 315 27.91 7.27 -36.93
C GLN B 315 27.41 8.55 -36.24
N ASP B 316 28.29 9.18 -35.47
CA ASP B 316 28.11 10.53 -34.97
C ASP B 316 28.62 11.48 -36.06
N GLU B 317 29.49 10.93 -36.91
CA GLU B 317 30.08 11.64 -38.06
C GLU B 317 29.10 11.75 -39.22
N ARG B 318 28.30 10.71 -39.43
CA ARG B 318 27.40 10.65 -40.61
C ARG B 318 26.16 11.51 -40.48
N ALA B 319 25.58 11.53 -39.29
CA ALA B 319 24.41 12.35 -39.02
C ALA B 319 24.83 13.81 -38.92
N HIS B 320 25.95 14.09 -38.26
CA HIS B 320 26.46 15.47 -38.19
C HIS B 320 26.45 16.04 -39.60
N ASP B 321 26.97 15.25 -40.55
CA ASP B 321 27.00 15.65 -41.95
C ASP B 321 25.61 16.03 -42.41
N MET B 322 24.65 15.14 -42.15
CA MET B 322 23.26 15.36 -42.52
C MET B 322 22.72 16.67 -41.89
N TYR B 323 23.05 16.89 -40.62
CA TYR B 323 22.56 18.08 -39.90
C TYR B 323 23.00 19.39 -40.55
N ALA B 324 24.27 19.45 -40.97
CA ALA B 324 24.80 20.63 -41.64
C ALA B 324 24.01 20.94 -42.90
N MET B 325 23.66 19.91 -43.67
CA MET B 325 22.88 20.12 -44.90
C MET B 325 21.59 20.82 -44.52
N VAL B 326 20.94 20.31 -43.47
CA VAL B 326 19.63 20.82 -43.04
C VAL B 326 19.70 22.24 -42.49
N LEU B 327 20.74 22.57 -41.73
CA LEU B 327 20.89 23.92 -41.21
C LEU B 327 21.11 24.89 -42.37
N LYS B 328 22.08 24.57 -43.23
CA LYS B 328 22.48 25.48 -44.30
C LYS B 328 21.33 25.76 -45.25
N MET B 329 20.57 24.71 -45.57
CA MET B 329 19.41 24.85 -46.43
C MET B 329 18.45 25.84 -45.81
N PHE B 330 18.07 25.56 -44.56
CA PHE B 330 17.17 26.44 -43.81
C PHE B 330 17.61 27.90 -44.00
N LEU B 331 18.86 28.18 -43.71
CA LEU B 331 19.37 29.53 -43.83
C LEU B 331 19.26 30.05 -45.26
N LYS B 332 19.40 29.16 -46.24
CA LYS B 332 19.30 29.52 -47.67
C LYS B 332 17.87 29.84 -48.09
N VAL B 333 16.91 29.07 -47.58
CA VAL B 333 15.51 29.32 -47.87
C VAL B 333 15.11 30.65 -47.26
N LEU B 334 15.78 31.02 -46.18
CA LEU B 334 15.48 32.26 -45.48
C LEU B 334 15.91 33.49 -46.25
N GLU B 335 17.10 33.44 -46.87
CA GLU B 335 17.61 34.57 -47.68
C GLU B 335 16.75 34.79 -48.91
N ASN B 336 16.34 33.68 -49.51
CA ASN B 336 15.55 33.68 -50.75
C ASN B 336 14.10 34.09 -50.55
N GLY B 337 13.68 34.18 -49.29
CA GLY B 337 12.27 34.35 -48.99
C GLY B 337 11.65 35.69 -49.35
N ASN B 338 10.34 35.79 -49.14
CA ASN B 338 9.68 37.08 -49.07
C ASN B 338 10.00 37.80 -47.76
N PHE B 339 9.94 39.13 -47.80
CA PHE B 339 10.30 40.01 -46.68
C PHE B 339 10.47 39.38 -45.34
N ASN B 340 9.45 38.68 -44.89
CA ASN B 340 9.39 38.17 -43.53
C ASN B 340 10.44 37.10 -43.18
N LEU B 341 10.72 36.23 -44.14
CA LEU B 341 11.80 35.26 -43.98
C LEU B 341 13.09 36.02 -43.75
N ARG B 342 13.50 36.84 -44.71
CA ARG B 342 14.74 37.65 -44.60
C ARG B 342 14.82 38.40 -43.27
N GLY B 343 13.67 38.86 -42.80
CA GLY B 343 13.57 39.53 -41.51
C GLY B 343 13.98 38.61 -40.39
N ILE B 344 13.49 37.36 -40.43
CA ILE B 344 13.88 36.32 -39.47
C ILE B 344 15.35 36.00 -39.62
N PHE B 345 15.80 35.86 -40.86
CA PHE B 345 17.20 35.55 -41.13
C PHE B 345 18.06 36.62 -40.51
N TYR B 346 17.79 37.87 -40.86
CA TYR B 346 18.54 38.97 -40.32
C TYR B 346 18.62 38.86 -38.78
N ASN B 347 17.47 38.69 -38.14
CA ASN B 347 17.38 38.46 -36.70
C ASN B 347 18.28 37.33 -36.20
N LEU B 348 18.28 36.20 -36.89
CA LEU B 348 19.15 35.10 -36.49
C LEU B 348 20.62 35.52 -36.49
N ARG B 349 21.01 36.31 -37.48
CA ARG B 349 22.37 36.85 -37.59
C ARG B 349 22.69 37.69 -36.37
N LYS B 350 21.81 38.65 -36.07
CA LYS B 350 21.98 39.54 -34.93
C LYS B 350 22.19 38.75 -33.66
N GLN B 351 21.35 37.74 -33.45
CA GLN B 351 21.44 36.89 -32.28
C GLN B 351 22.83 36.28 -32.17
N ARG B 352 23.28 35.60 -33.23
CA ARG B 352 24.57 34.93 -33.18
C ARG B 352 25.67 35.92 -32.88
N ARG B 353 25.77 36.96 -33.71
CA ARG B 353 26.79 37.97 -33.51
C ARG B 353 26.88 38.33 -32.03
N PHE B 354 25.72 38.47 -31.40
CA PHE B 354 25.64 38.91 -30.02
C PHE B 354 26.17 37.86 -29.06
N ILE B 355 25.87 36.60 -29.33
CA ILE B 355 26.23 35.50 -28.43
C ILE B 355 27.76 35.38 -28.40
N ASP B 356 28.38 35.50 -29.58
CA ASP B 356 29.82 35.32 -29.74
C ASP B 356 30.55 36.44 -29.01
N GLU B 357 29.92 37.62 -28.98
CA GLU B 357 30.48 38.80 -28.30
C GLU B 357 30.43 38.68 -26.79
N LEU B 358 29.29 38.23 -26.28
CA LEU B 358 29.15 37.95 -24.86
C LEU B 358 30.11 36.81 -24.47
N VAL B 359 30.27 35.82 -25.36
CA VAL B 359 31.20 34.69 -25.13
C VAL B 359 32.66 35.11 -24.92
N LYS B 360 33.18 35.91 -25.85
CA LYS B 360 34.55 36.43 -25.77
C LYS B 360 34.78 37.24 -24.49
N LEU B 361 33.86 38.17 -24.20
CA LEU B 361 33.86 38.95 -22.95
C LEU B 361 33.91 38.05 -21.72
N VAL B 362 33.03 37.06 -21.69
CA VAL B 362 32.96 36.07 -20.62
C VAL B 362 34.29 35.32 -20.46
N LYS B 363 34.86 34.92 -21.60
CA LYS B 363 36.18 34.30 -21.67
C LYS B 363 37.24 35.20 -21.03
N LEU B 364 37.07 36.51 -21.23
CA LEU B 364 38.00 37.51 -20.70
C LEU B 364 37.80 37.79 -19.20
N VAL B 365 36.69 37.36 -18.62
CA VAL B 365 36.47 37.47 -17.16
C VAL B 365 37.07 36.29 -16.39
N ALA B 366 37.09 35.11 -17.02
CA ALA B 366 37.72 33.89 -16.45
C ALA B 366 39.25 33.92 -16.62
N LYS B 367 39.73 34.37 -17.77
CA LYS B 367 41.17 34.46 -18.03
C LYS B 367 41.88 35.16 -16.89
N GLU B 368 41.26 36.18 -16.31
CA GLU B 368 41.84 36.85 -15.14
C GLU B 368 41.70 36.00 -13.87
N PRO B 369 42.81 35.81 -13.12
CA PRO B 369 42.70 35.09 -11.84
C PRO B 369 42.33 36.05 -10.70
N GLY B 370 42.10 35.48 -9.46
CA GLY B 370 41.77 36.36 -8.30
C GLY B 370 40.49 35.93 -7.56
N ASN B 371 40.10 36.77 -6.59
CA ASN B 371 38.87 36.62 -5.80
C ASN B 371 37.59 36.69 -6.65
N ARG B 372 36.52 36.07 -6.16
CA ARG B 372 35.19 36.15 -6.81
C ARG B 372 34.73 37.61 -7.04
N ASN B 373 34.94 38.48 -6.04
CA ASN B 373 34.64 39.93 -6.15
C ASN B 373 35.40 40.62 -7.27
N LYS B 374 36.66 40.25 -7.44
CA LYS B 374 37.53 40.80 -8.49
C LYS B 374 37.03 40.47 -9.89
N LYS B 375 36.40 39.30 -10.04
CA LYS B 375 35.87 38.87 -11.33
C LYS B 375 34.52 39.51 -11.66
N THR B 376 33.73 39.88 -10.64
CA THR B 376 32.44 40.56 -10.87
C THR B 376 32.62 42.03 -11.20
N GLU B 377 33.55 42.70 -10.52
CA GLU B 377 33.89 44.10 -10.77
C GLU B 377 34.46 44.24 -12.17
N LYS B 378 35.23 43.23 -12.56
CA LYS B 378 35.78 43.09 -13.91
C LYS B 378 34.65 42.93 -14.93
N PHE B 379 33.62 42.16 -14.54
CA PHE B 379 32.45 41.88 -15.37
C PHE B 379 31.67 43.15 -15.64
N GLN B 380 31.51 44.01 -14.63
CA GLN B 380 30.80 45.29 -14.75
C GLN B 380 31.49 46.29 -15.67
N LYS B 381 32.80 46.39 -15.55
CA LYS B 381 33.57 47.33 -16.35
C LYS B 381 33.65 46.86 -17.79
N LEU B 382 33.64 45.55 -18.00
CA LEU B 382 33.69 44.98 -19.36
C LEU B 382 32.43 45.32 -20.17
N LEU B 383 31.28 45.29 -19.51
CA LEU B 383 29.99 45.60 -20.12
C LEU B 383 29.78 47.10 -20.24
N ALA B 384 30.36 47.84 -19.28
CA ALA B 384 30.20 49.28 -19.17
C ALA B 384 30.89 50.01 -20.33
N GLU B 385 32.13 49.61 -20.62
CA GLU B 385 32.99 50.29 -21.60
C GLU B 385 32.52 50.03 -23.03
N GLN B 386 31.75 50.99 -23.54
CA GLN B 386 31.12 50.92 -24.85
C GLN B 386 32.14 50.57 -25.92
N ASP B 387 31.68 49.84 -26.94
CA ASP B 387 32.37 49.78 -28.23
C ASP B 387 33.77 49.08 -28.34
N MET B 388 34.28 48.51 -27.24
CA MET B 388 35.46 47.65 -27.38
C MET B 388 35.12 46.34 -28.10
N PHE B 389 33.91 45.84 -27.87
CA PHE B 389 33.29 44.81 -28.73
C PHE B 389 32.27 45.46 -29.65
N LYS B 390 32.19 44.98 -30.89
CA LYS B 390 31.35 45.61 -31.94
C LYS B 390 29.86 45.64 -31.58
N VAL B 391 29.44 44.67 -30.80
CA VAL B 391 28.21 44.80 -30.07
C VAL B 391 28.55 45.63 -28.82
N ASN B 392 27.90 46.77 -28.67
CA ASN B 392 28.05 47.57 -27.47
C ASN B 392 27.00 47.12 -26.46
N PHE B 393 27.43 46.76 -25.24
CA PHE B 393 26.56 46.08 -24.24
C PHE B 393 25.62 46.99 -23.43
N THR B 394 25.98 48.27 -23.25
CA THR B 394 25.16 49.23 -22.50
C THR B 394 24.08 49.86 -23.37
N ASN B 395 24.23 49.67 -24.69
CA ASN B 395 23.15 49.87 -25.64
C ASN B 395 23.42 49.22 -27.02
N PHE B 396 22.43 48.51 -27.55
CA PHE B 396 22.51 47.99 -28.91
C PHE B 396 21.09 47.97 -29.47
N GLU B 397 20.95 47.52 -30.72
CA GLU B 397 19.65 47.48 -31.40
C GLU B 397 18.71 46.37 -30.90
N PRO B 398 17.39 46.66 -30.78
CA PRO B 398 16.41 45.66 -30.42
C PRO B 398 16.63 44.30 -31.11
N ILE B 399 16.91 43.29 -30.28
CA ILE B 399 17.05 41.89 -30.67
C ILE B 399 16.01 41.07 -29.92
N PRO B 400 15.40 40.08 -30.58
CA PRO B 400 14.58 39.13 -29.85
C PRO B 400 15.50 38.22 -29.06
N PHE B 401 15.26 38.11 -27.75
CA PHE B 401 16.05 37.25 -26.86
C PHE B 401 16.09 35.81 -27.40
N PRO B 402 17.30 35.24 -27.61
CA PRO B 402 17.39 33.88 -28.15
C PRO B 402 16.68 32.80 -27.29
N LEU B 403 16.77 32.95 -25.97
CA LEU B 403 16.16 31.99 -25.04
C LEU B 403 14.65 32.02 -25.16
N ASP B 404 14.09 33.22 -25.06
CA ASP B 404 12.67 33.47 -25.27
C ASP B 404 12.45 34.47 -26.43
N PRO B 405 11.99 33.98 -27.59
CA PRO B 405 11.91 34.87 -28.74
C PRO B 405 10.95 36.04 -28.57
N GLU B 406 9.85 35.84 -27.86
CA GLU B 406 8.82 36.88 -27.79
C GLU B 406 9.28 38.19 -27.17
N ILE B 407 10.15 38.13 -26.16
CA ILE B 407 10.70 39.33 -25.52
C ILE B 407 11.79 39.95 -26.40
N TYR B 408 11.76 41.27 -26.57
CA TYR B 408 12.86 41.98 -27.26
C TYR B 408 13.88 42.58 -26.26
N ILE B 409 15.16 42.58 -26.60
CA ILE B 409 16.16 43.22 -25.74
C ILE B 409 16.87 44.42 -26.38
N THR B 410 16.96 45.50 -25.60
CA THR B 410 17.78 46.67 -25.97
C THR B 410 19.23 46.56 -25.46
N LYS B 411 19.38 46.40 -24.15
CA LYS B 411 20.70 46.43 -23.51
C LYS B 411 20.73 45.61 -22.25
N ILE B 412 21.94 45.41 -21.71
CA ILE B 412 22.15 44.95 -20.33
C ILE B 412 22.18 46.16 -19.39
N VAL B 413 22.19 45.91 -18.09
CA VAL B 413 22.50 46.92 -17.07
C VAL B 413 23.70 46.38 -16.30
N PRO B 414 24.86 47.07 -16.36
CA PRO B 414 26.10 46.61 -15.72
C PRO B 414 26.17 46.67 -14.19
N MET B 415 25.74 47.77 -13.57
CA MET B 415 25.69 47.81 -12.11
C MET B 415 24.85 46.69 -11.49
N ARG B 416 23.90 46.14 -12.25
CA ARG B 416 23.01 45.10 -11.77
C ARG B 416 23.54 43.67 -11.88
N THR B 417 24.42 43.42 -12.85
CA THR B 417 25.02 42.09 -13.00
C THR B 417 25.78 41.59 -11.74
N SER B 418 25.45 40.39 -11.26
CA SER B 418 26.20 39.74 -10.15
C SER B 418 26.66 38.32 -10.51
N LEU B 419 27.69 37.82 -9.83
CA LEU B 419 28.21 36.51 -10.17
C LEU B 419 28.05 35.49 -9.05
N PHE B 420 27.56 34.29 -9.41
CA PHE B 420 27.11 33.23 -8.46
C PHE B 420 28.20 32.35 -7.81
N LYS B 421 27.92 31.86 -6.59
CA LYS B 421 28.89 31.18 -5.70
C LYS B 421 29.60 29.93 -6.24
N SER B 422 28.93 29.20 -7.15
CA SER B 422 29.45 27.96 -7.79
C SER B 422 30.91 28.01 -8.32
N ALA B 423 31.64 26.89 -8.22
CA ALA B 423 33.08 26.79 -8.57
C ALA B 423 33.44 27.27 -10.00
N LEU B 424 32.76 26.67 -10.98
CA LEU B 424 32.57 27.19 -12.35
C LEU B 424 31.40 28.17 -12.21
N MET B 425 31.64 29.45 -12.54
CA MET B 425 30.70 30.50 -12.09
C MET B 425 29.75 31.13 -13.12
N PRO B 426 28.44 30.97 -12.87
CA PRO B 426 27.43 31.53 -13.75
C PRO B 426 27.17 33.01 -13.43
N ALA B 427 26.87 33.81 -14.46
CA ALA B 427 26.52 35.21 -14.24
C ALA B 427 25.02 35.41 -14.28
N LYS B 428 24.52 36.35 -13.48
CA LYS B 428 23.13 36.79 -13.58
C LYS B 428 23.11 38.23 -14.07
N LEU B 429 22.67 38.46 -15.30
CA LEU B 429 22.54 39.80 -15.87
C LEU B 429 21.11 40.27 -16.07
N THR B 430 20.86 41.57 -15.83
CA THR B 430 19.57 42.16 -16.17
C THR B 430 19.63 42.62 -17.62
N PHE B 431 18.50 42.52 -18.31
CA PHE B 431 18.36 43.04 -19.65
C PHE B 431 17.18 44.00 -19.60
N VAL B 432 17.10 44.92 -20.56
CA VAL B 432 15.84 45.63 -20.70
C VAL B 432 15.08 45.12 -21.90
N THR B 433 13.78 44.96 -21.71
CA THR B 433 12.84 44.64 -22.77
C THR B 433 12.63 45.88 -23.64
N SER B 434 12.48 45.66 -24.94
CA SER B 434 12.28 46.76 -25.88
C SER B 434 11.17 47.66 -25.39
N ILE B 435 10.24 47.08 -24.65
CA ILE B 435 9.02 47.77 -24.34
C ILE B 435 8.89 48.09 -22.86
N ALA B 436 8.48 49.32 -22.58
CA ALA B 436 7.98 49.76 -21.26
C ALA B 436 9.03 49.75 -20.15
N HIS B 437 10.29 49.90 -20.54
CA HIS B 437 11.45 49.77 -19.62
C HIS B 437 11.24 48.70 -18.52
N HIS B 438 10.50 47.65 -18.88
CA HIS B 438 10.39 46.39 -18.16
C HIS B 438 11.77 45.76 -18.14
N GLU B 439 12.03 44.92 -17.14
CA GLU B 439 13.29 44.19 -17.12
C GLU B 439 13.05 42.68 -17.16
N TYR B 440 14.00 41.96 -17.74
CA TYR B 440 13.95 40.51 -17.76
C TYR B 440 15.31 40.04 -17.27
N ALA B 441 15.31 39.22 -16.22
CA ALA B 441 16.57 38.68 -15.70
C ALA B 441 16.77 37.26 -16.16
N ALA B 442 18.03 36.95 -16.49
CA ALA B 442 18.44 35.63 -16.92
C ALA B 442 19.82 35.27 -16.38
N ILE B 443 20.27 34.07 -16.69
CA ILE B 443 21.57 33.56 -16.24
C ILE B 443 22.27 33.07 -17.48
N PHE B 444 23.57 33.32 -17.56
CA PHE B 444 24.38 32.77 -18.65
C PHE B 444 25.53 31.92 -18.12
N LYS B 445 25.55 30.65 -18.49
CA LYS B 445 26.51 29.71 -17.93
C LYS B 445 27.57 29.35 -18.97
N HIS B 446 28.85 29.35 -18.54
CA HIS B 446 29.99 29.14 -19.44
C HIS B 446 30.63 27.74 -19.41
N GLY B 447 30.19 26.90 -18.47
CA GLY B 447 30.88 25.63 -18.21
C GLY B 447 30.51 24.39 -18.99
N ASP B 448 29.23 24.02 -19.00
CA ASP B 448 28.82 22.72 -19.56
C ASP B 448 27.68 22.77 -20.59
N ASP B 449 27.55 21.66 -21.31
CA ASP B 449 26.45 21.39 -22.21
C ASP B 449 25.18 21.28 -21.38
N LEU B 450 24.13 22.02 -21.76
CA LEU B 450 22.89 22.09 -20.97
C LEU B 450 21.77 21.29 -21.58
N ARG B 451 22.08 20.56 -22.65
CA ARG B 451 21.07 19.76 -23.34
C ARG B 451 20.28 18.81 -22.41
N GLN B 452 20.96 18.29 -21.39
CA GLN B 452 20.35 17.43 -20.40
C GLN B 452 19.27 18.18 -19.67
N ASP B 453 19.63 19.35 -19.14
CA ASP B 453 18.68 20.13 -18.36
C ASP B 453 17.49 20.53 -19.20
N GLN B 454 17.72 20.92 -20.44
CA GLN B 454 16.59 21.37 -21.24
C GLN B 454 15.64 20.21 -21.47
N LEU B 455 16.16 19.01 -21.60
CA LEU B 455 15.27 17.88 -21.78
C LEU B 455 14.33 17.76 -20.59
N ILE B 456 14.90 17.84 -19.38
CA ILE B 456 14.11 17.72 -18.16
C ILE B 456 13.06 18.82 -18.06
N LEU B 457 13.40 20.02 -18.50
CA LEU B 457 12.42 21.09 -18.45
C LEU B 457 11.31 20.93 -19.43
N GLN B 458 11.63 20.41 -20.61
CA GLN B 458 10.57 20.07 -21.53
C GLN B 458 9.62 19.10 -20.84
N MET B 459 10.21 18.07 -20.25
CA MET B 459 9.44 17.04 -19.57
C MET B 459 8.58 17.66 -18.50
N ILE B 460 9.19 18.43 -17.59
CA ILE B 460 8.41 19.11 -16.57
C ILE B 460 7.23 19.91 -17.16
N THR B 461 7.53 20.73 -18.18
CA THR B 461 6.55 21.55 -18.88
C THR B 461 5.46 20.67 -19.39
N LEU B 462 5.83 19.64 -20.13
CA LEU B 462 4.88 18.70 -20.66
C LEU B 462 3.97 18.20 -19.52
N MET B 463 4.58 17.72 -18.43
CA MET B 463 3.83 17.08 -17.36
C MET B 463 2.83 18.01 -16.70
N ASP B 464 3.29 19.22 -16.43
CA ASP B 464 2.42 20.28 -15.94
C ASP B 464 1.20 20.54 -16.85
N LYS B 465 1.44 20.63 -18.15
CA LYS B 465 0.36 20.89 -19.10
C LYS B 465 -0.72 19.83 -18.97
N LEU B 466 -0.31 18.57 -18.92
CA LEU B 466 -1.26 17.45 -18.83
C LEU B 466 -2.08 17.52 -17.53
N LEU B 467 -1.38 17.78 -16.45
CA LEU B 467 -2.01 17.87 -15.17
C LEU B 467 -2.93 19.07 -15.14
N ARG B 468 -2.56 20.16 -15.81
CA ARG B 468 -3.40 21.33 -15.75
C ARG B 468 -4.63 21.14 -16.59
N ARG B 469 -4.49 20.36 -17.67
CA ARG B 469 -5.61 19.95 -18.52
C ARG B 469 -6.46 18.98 -17.72
N GLU B 470 -5.85 18.40 -16.70
CA GLU B 470 -6.54 17.59 -15.68
C GLU B 470 -7.11 18.41 -14.50
N ASN B 471 -6.84 19.71 -14.53
CA ASN B 471 -6.99 20.67 -13.40
C ASN B 471 -6.40 20.28 -12.06
N LEU B 472 -5.19 19.76 -12.15
CA LEU B 472 -4.28 19.70 -11.03
C LEU B 472 -3.28 20.77 -11.38
N ASP B 473 -3.43 21.94 -10.80
CA ASP B 473 -2.35 22.90 -10.89
C ASP B 473 -1.44 22.51 -9.75
N LEU B 474 -0.33 21.83 -10.04
CA LEU B 474 0.54 21.47 -8.94
C LEU B 474 1.47 22.61 -8.51
N LYS B 475 1.35 23.74 -9.21
CA LYS B 475 2.17 24.93 -8.97
C LYS B 475 3.63 24.64 -9.28
N LEU B 476 3.86 23.95 -10.39
CA LEU B 476 5.19 23.70 -10.85
C LEU B 476 5.74 24.99 -11.42
N THR B 477 7.06 25.21 -11.27
CA THR B 477 7.73 26.28 -12.04
C THR B 477 8.75 25.70 -13.04
N PRO B 478 8.41 25.72 -14.34
CA PRO B 478 9.29 25.18 -15.34
C PRO B 478 10.05 26.29 -16.10
N TYR B 479 10.99 26.94 -15.45
CA TYR B 479 11.74 28.01 -16.08
C TYR B 479 12.30 27.61 -17.45
N LYS B 480 12.41 28.58 -18.36
CA LYS B 480 12.93 28.32 -19.72
C LYS B 480 14.44 28.11 -19.65
N VAL B 481 14.93 27.12 -20.41
CA VAL B 481 16.37 26.89 -20.54
C VAL B 481 16.71 26.69 -22.01
N LEU B 482 17.77 27.33 -22.49
CA LEU B 482 18.29 27.02 -23.83
C LEU B 482 19.80 26.85 -23.78
N ALA B 483 20.33 25.83 -24.45
CA ALA B 483 21.76 25.79 -24.64
C ALA B 483 22.01 26.50 -25.93
N THR B 484 22.86 27.54 -25.87
CA THR B 484 23.32 28.24 -27.07
C THR B 484 24.17 27.28 -27.89
N SER B 485 25.27 26.84 -27.29
CA SER B 485 26.00 25.70 -27.79
C SER B 485 26.48 24.87 -26.58
N SER B 486 27.16 23.74 -26.81
CA SER B 486 27.69 22.96 -25.69
C SER B 486 28.66 23.87 -24.94
N LYS B 487 28.53 23.87 -23.62
CA LYS B 487 29.29 24.73 -22.70
C LYS B 487 28.81 26.20 -22.50
N HIS B 488 27.76 26.64 -23.21
CA HIS B 488 27.04 27.89 -22.88
C HIS B 488 25.53 27.79 -23.09
N GLY B 489 24.78 28.39 -22.17
CA GLY B 489 23.36 28.51 -22.37
C GLY B 489 22.76 29.67 -21.59
N PHE B 490 21.45 29.82 -21.71
CA PHE B 490 20.76 30.76 -20.88
C PHE B 490 19.73 30.02 -20.08
N LEU B 491 19.49 30.49 -18.86
CA LEU B 491 18.42 29.93 -18.05
C LEU B 491 17.56 31.04 -17.52
N GLN B 492 16.25 30.98 -17.80
CA GLN B 492 15.34 31.86 -17.12
C GLN B 492 15.75 31.85 -15.67
N TYR B 493 15.67 32.98 -15.02
CA TYR B 493 15.93 33.04 -13.62
C TYR B 493 14.63 33.43 -12.98
N VAL B 494 14.35 32.86 -11.82
CA VAL B 494 13.14 33.19 -11.08
C VAL B 494 13.50 33.52 -9.62
N ASP B 495 13.06 34.68 -9.15
CA ASP B 495 13.43 35.14 -7.81
C ASP B 495 13.00 34.08 -6.83
N SER B 496 13.92 33.76 -5.92
CA SER B 496 13.81 32.62 -5.06
C SER B 496 15.05 32.63 -4.20
N CYS B 497 14.95 32.00 -3.04
CA CYS B 497 16.12 31.68 -2.25
C CYS B 497 16.32 30.19 -2.21
N THR B 498 17.57 29.76 -2.29
CA THR B 498 17.89 28.34 -2.11
C THR B 498 17.57 27.96 -0.68
N VAL B 499 17.05 26.74 -0.48
CA VAL B 499 16.68 26.26 0.87
C VAL B 499 17.78 26.46 1.94
N ALA B 500 19.00 26.03 1.65
CA ALA B 500 20.07 26.19 2.62
C ALA B 500 20.19 27.67 3.00
N GLU B 501 20.17 28.54 1.99
CA GLU B 501 20.14 29.97 2.22
C GLU B 501 18.97 30.32 3.14
N VAL B 502 17.76 29.90 2.77
CA VAL B 502 16.55 30.22 3.55
C VAL B 502 16.73 29.80 4.99
N LEU B 503 17.53 28.76 5.21
CA LEU B 503 17.74 28.19 6.53
C LEU B 503 18.78 28.91 7.40
N ALA B 504 19.89 29.36 6.83
CA ALA B 504 20.82 30.20 7.58
C ALA B 504 20.06 31.47 7.97
N ARG B 505 19.43 32.08 6.96
CA ARG B 505 18.62 33.29 7.12
C ARG B 505 17.57 33.14 8.23
N GLU B 506 16.72 32.11 8.14
CA GLU B 506 15.68 31.85 9.14
C GLU B 506 15.83 30.46 9.72
N GLY B 507 15.64 30.33 11.03
CA GLY B 507 15.69 29.02 11.68
C GLY B 507 15.07 27.88 10.87
N ASN B 508 13.81 28.04 10.49
CA ASN B 508 13.13 27.02 9.72
C ASN B 508 12.30 27.65 8.63
N ILE B 509 11.66 26.81 7.83
CA ILE B 509 10.94 27.29 6.67
C ILE B 509 9.71 28.13 6.99
N HIS B 510 9.01 27.79 8.07
CA HIS B 510 7.82 28.54 8.45
C HIS B 510 8.12 30.00 8.73
N ASN B 511 9.19 30.25 9.49
CA ASN B 511 9.64 31.60 9.79
C ASN B 511 9.72 32.44 8.54
N PHE B 512 10.32 31.85 7.51
CA PHE B 512 10.43 32.48 6.20
C PHE B 512 9.07 32.78 5.58
N PHE B 513 8.19 31.79 5.51
CA PHE B 513 6.84 32.00 4.99
C PHE B 513 6.12 32.98 5.89
N ARG B 514 6.40 32.89 7.18
CA ARG B 514 5.74 33.72 8.18
C ARG B 514 6.10 35.20 8.01
N LYS B 515 7.34 35.49 7.61
CA LYS B 515 7.77 36.87 7.50
C LYS B 515 7.15 37.55 6.28
N HIS B 516 7.03 36.82 5.17
CA HIS B 516 6.51 37.39 3.91
C HIS B 516 4.99 37.47 3.85
N HIS B 517 4.34 36.45 4.42
CA HIS B 517 2.89 36.30 4.33
C HIS B 517 2.21 35.92 5.65
N PRO B 518 2.42 36.72 6.73
CA PRO B 518 1.80 36.27 7.96
C PRO B 518 0.32 36.60 8.01
N CYS B 519 -0.43 35.69 8.61
CA CYS B 519 -1.80 35.93 9.02
C CYS B 519 -1.93 35.24 10.38
N ASP B 520 -2.55 35.93 11.34
CA ASP B 520 -2.66 35.40 12.71
C ASP B 520 -3.52 34.15 12.80
N ASN B 521 -4.54 34.04 11.94
CA ASN B 521 -5.48 32.91 11.98
C ASN B 521 -5.13 31.80 10.99
N GLY B 522 -4.22 32.11 10.08
CA GLY B 522 -3.75 31.15 9.08
C GLY B 522 -2.89 30.07 9.72
N PRO B 523 -3.01 28.84 9.23
CA PRO B 523 -2.59 27.64 9.94
C PRO B 523 -1.39 27.83 10.87
N TYR B 524 -0.17 27.92 10.32
CA TYR B 524 1.00 28.22 11.14
C TYR B 524 1.35 29.62 10.72
N GLY B 525 1.06 30.59 11.58
CA GLY B 525 0.96 32.01 11.17
C GLY B 525 1.25 32.40 9.73
N ILE B 526 0.56 31.78 8.76
CA ILE B 526 0.76 32.02 7.30
C ILE B 526 -0.59 32.02 6.54
N SER B 527 -0.70 32.79 5.46
CA SER B 527 -1.89 32.74 4.61
C SER B 527 -2.11 31.30 4.17
N ALA B 528 -3.34 30.82 4.35
CA ALA B 528 -3.69 29.43 4.07
C ALA B 528 -3.31 28.95 2.67
N GLU B 529 -3.42 29.84 1.70
CA GLU B 529 -3.13 29.51 0.32
C GLU B 529 -1.63 29.42 0.03
N VAL B 530 -0.81 30.15 0.79
CA VAL B 530 0.65 30.06 0.63
C VAL B 530 1.14 28.66 1.02
N MET B 531 0.63 28.17 2.13
CA MET B 531 0.91 26.79 2.57
C MET B 531 0.46 25.77 1.53
N ASP B 532 -0.69 26.02 0.93
CA ASP B 532 -1.23 25.16 -0.08
C ASP B 532 -0.37 25.18 -1.32
N THR B 533 -0.01 26.37 -1.84
CA THR B 533 0.87 26.39 -3.01
C THR B 533 2.14 25.59 -2.68
N TYR B 534 2.58 25.62 -1.41
CA TYR B 534 3.77 24.87 -1.01
C TYR B 534 3.60 23.37 -1.09
N ILE B 535 2.50 22.86 -0.54
CA ILE B 535 2.22 21.42 -0.48
C ILE B 535 2.18 20.86 -1.88
N LYS B 536 1.52 21.61 -2.75
CA LYS B 536 1.25 21.15 -4.08
C LYS B 536 2.54 21.10 -4.86
N SER B 537 3.34 22.18 -4.81
CA SER B 537 4.67 22.22 -5.45
C SER B 537 5.57 21.05 -5.02
N CYS B 538 5.57 20.75 -3.72
CA CYS B 538 6.30 19.60 -3.20
C CYS B 538 5.83 18.33 -3.87
N ALA B 539 4.53 18.10 -3.81
CA ALA B 539 3.95 16.91 -4.36
C ALA B 539 4.40 16.70 -5.79
N GLY B 540 4.14 17.70 -6.62
CA GLY B 540 4.50 17.61 -8.04
C GLY B 540 5.91 17.11 -8.19
N TYR B 541 6.82 17.75 -7.46
CA TYR B 541 8.25 17.51 -7.63
C TYR B 541 8.74 16.15 -7.18
N CYS B 542 8.11 15.59 -6.15
CA CYS B 542 8.40 14.21 -5.73
C CYS B 542 7.97 13.20 -6.78
N VAL B 543 6.81 13.44 -7.39
CA VAL B 543 6.33 12.56 -8.44
C VAL B 543 7.25 12.69 -9.65
N ILE B 544 7.43 13.92 -10.16
CA ILE B 544 8.25 14.20 -11.35
C ILE B 544 9.71 13.78 -11.20
N THR B 545 10.37 14.22 -10.13
CA THR B 545 11.68 13.71 -9.82
C THR B 545 11.64 12.20 -10.01
N TYR B 546 10.69 11.53 -9.33
CA TYR B 546 10.64 10.07 -9.31
C TYR B 546 10.61 9.42 -10.71
N LEU B 547 9.71 9.89 -11.57
CA LEU B 547 9.55 9.26 -12.89
C LEU B 547 10.80 9.50 -13.70
N LEU B 548 11.43 10.65 -13.45
CA LEU B 548 12.58 11.08 -14.20
C LEU B 548 13.90 10.60 -13.61
N GLY B 549 13.84 9.95 -12.45
CA GLY B 549 15.04 9.44 -11.79
C GLY B 549 16.11 10.51 -11.57
N VAL B 550 15.68 11.72 -11.22
CA VAL B 550 16.61 12.81 -10.91
C VAL B 550 17.28 12.50 -9.60
N GLY B 551 18.62 12.54 -9.61
CA GLY B 551 19.39 12.39 -8.39
C GLY B 551 20.24 13.63 -8.13
N ASP B 552 20.91 13.63 -6.98
CA ASP B 552 21.87 14.68 -6.56
C ASP B 552 21.19 15.81 -5.79
N ARG B 553 19.97 15.56 -5.31
CA ARG B 553 19.25 16.60 -4.63
C ARG B 553 19.92 16.90 -3.32
N HIS B 554 20.05 18.19 -3.03
CA HIS B 554 20.48 18.69 -1.73
C HIS B 554 19.91 20.09 -1.58
N LEU B 555 20.24 20.78 -0.49
CA LEU B 555 19.53 22.00 -0.14
C LEU B 555 19.92 23.27 -0.91
N ASP B 556 21.04 23.22 -1.64
CA ASP B 556 21.40 24.28 -2.58
C ASP B 556 20.71 24.02 -3.94
N ASN B 557 20.35 22.75 -4.13
CA ASN B 557 19.66 22.30 -5.32
C ASN B 557 18.18 22.65 -5.36
N LEU B 558 17.52 22.75 -4.22
CA LEU B 558 16.08 22.99 -4.23
C LEU B 558 15.91 24.43 -3.84
N LEU B 559 15.19 25.20 -4.67
CA LEU B 559 14.93 26.60 -4.33
C LEU B 559 13.52 26.82 -3.87
N LEU B 560 13.35 27.87 -3.11
CA LEU B 560 12.03 28.24 -2.69
C LEU B 560 11.80 29.70 -2.96
N THR B 561 10.63 29.98 -3.54
CA THR B 561 10.16 31.34 -3.70
C THR B 561 9.56 31.88 -2.42
N THR B 562 9.43 33.20 -2.38
CA THR B 562 8.82 33.91 -1.25
C THR B 562 7.30 33.64 -1.19
N ASN B 563 6.79 33.14 -2.29
CA ASN B 563 5.38 32.83 -2.47
C ASN B 563 5.03 31.37 -2.06
N GLY B 564 6.01 30.49 -2.12
CA GLY B 564 5.76 29.14 -1.64
C GLY B 564 6.07 28.04 -2.63
N LYS B 565 6.14 28.34 -3.91
CA LYS B 565 6.36 27.27 -4.88
C LYS B 565 7.71 26.67 -4.50
N LEU B 566 7.84 25.36 -4.59
CA LEU B 566 9.14 24.74 -4.46
C LEU B 566 9.57 24.34 -5.85
N PHE B 567 10.86 24.46 -6.17
CA PHE B 567 11.34 23.88 -7.41
C PHE B 567 12.78 23.38 -7.38
N HIS B 568 13.10 22.43 -8.26
CA HIS B 568 14.46 21.95 -8.35
C HIS B 568 15.22 22.77 -9.37
N ILE B 569 16.49 23.02 -9.06
CA ILE B 569 17.26 23.84 -9.94
C ILE B 569 18.05 23.02 -10.95
N ASP B 570 18.82 22.05 -10.50
CA ASP B 570 19.91 21.60 -11.36
C ASP B 570 19.83 20.13 -11.68
N PHE B 571 20.08 19.78 -12.95
CA PHE B 571 19.88 18.38 -13.40
C PHE B 571 21.08 17.70 -14.02
N GLY B 572 22.13 17.54 -13.22
CA GLY B 572 23.31 16.82 -13.67
C GLY B 572 23.09 15.34 -13.73
N TYR B 573 22.17 14.85 -12.87
CA TYR B 573 21.97 13.43 -12.71
C TYR B 573 20.52 12.97 -12.91
N ILE B 574 20.33 12.13 -13.92
CA ILE B 574 19.05 11.77 -14.53
C ILE B 574 18.94 10.25 -14.57
N LEU B 575 17.73 9.71 -14.52
CA LEU B 575 17.51 8.26 -14.63
C LEU B 575 18.37 7.45 -13.67
N GLY B 576 18.31 7.80 -12.38
CA GLY B 576 19.00 7.04 -11.36
C GLY B 576 20.40 7.53 -11.05
N ARG B 577 21.16 7.91 -12.07
CA ARG B 577 22.55 8.28 -11.81
C ARG B 577 22.60 9.20 -10.60
N ASP B 578 23.53 8.91 -9.71
CA ASP B 578 23.73 9.74 -8.57
C ASP B 578 25.15 9.45 -8.09
N PRO B 579 25.88 10.49 -7.63
CA PRO B 579 27.20 10.26 -7.07
C PRO B 579 27.12 9.33 -5.87
N LYS B 580 26.17 9.62 -4.99
CA LYS B 580 26.05 8.90 -3.73
C LYS B 580 25.68 7.42 -3.92
N PRO B 581 25.97 6.58 -2.91
CA PRO B 581 25.81 5.15 -3.12
C PRO B 581 24.35 4.72 -3.16
N MET B 582 23.55 5.11 -2.18
CA MET B 582 22.15 4.76 -2.22
C MET B 582 21.21 5.94 -2.17
N PRO B 583 20.63 6.31 -3.32
CA PRO B 583 19.61 7.33 -3.26
C PRO B 583 18.40 6.85 -2.40
N PRO B 584 17.75 7.76 -1.63
CA PRO B 584 16.35 7.51 -1.28
C PRO B 584 15.51 7.58 -2.57
N PRO B 585 14.45 6.77 -2.67
CA PRO B 585 13.66 6.78 -3.89
C PRO B 585 12.84 8.07 -4.03
N MET B 586 12.48 8.71 -2.92
CA MET B 586 11.86 10.03 -2.95
C MET B 586 12.69 11.03 -2.17
N LYS B 587 12.79 12.26 -2.65
CA LYS B 587 13.69 13.21 -1.99
C LYS B 587 12.97 14.21 -1.08
N LEU B 588 13.05 13.99 0.22
CA LEU B 588 12.45 14.92 1.17
C LEU B 588 13.40 15.30 2.29
N SER B 589 13.68 16.59 2.44
CA SER B 589 14.46 17.10 3.57
C SER B 589 13.71 16.85 4.85
N LYS B 590 14.44 16.67 5.94
CA LYS B 590 13.81 16.67 7.25
C LYS B 590 13.07 18.02 7.36
N GLU B 591 13.78 19.05 6.90
CA GLU B 591 13.38 20.44 6.92
C GLU B 591 12.13 20.71 6.10
N MET B 592 11.98 19.98 5.00
CA MET B 592 10.78 20.03 4.16
C MET B 592 9.54 19.45 4.85
N VAL B 593 9.71 18.38 5.62
CA VAL B 593 8.58 17.72 6.25
C VAL B 593 8.16 18.45 7.53
N GLU B 594 9.13 19.02 8.24
CA GLU B 594 8.82 19.86 9.39
C GLU B 594 8.04 21.09 8.91
N ALA B 595 8.40 21.57 7.71
CA ALA B 595 7.71 22.65 7.01
C ALA B 595 6.25 22.31 6.69
N MET B 596 5.98 21.04 6.52
CA MET B 596 4.59 20.57 6.39
C MET B 596 3.89 20.52 7.75
N GLY B 597 4.65 20.29 8.81
CA GLY B 597 4.09 20.11 10.14
C GLY B 597 4.14 18.67 10.60
N GLY B 598 5.08 17.91 10.04
CA GLY B 598 5.35 16.56 10.53
C GLY B 598 4.35 15.54 10.03
N ILE B 599 4.77 14.29 9.99
CA ILE B 599 3.91 13.15 9.60
C ILE B 599 2.50 13.19 10.26
N SER B 600 2.43 13.84 11.43
CA SER B 600 1.21 14.07 12.21
C SER B 600 0.25 14.99 11.46
N SER B 601 0.80 16.08 10.88
CA SER B 601 0.04 17.18 10.22
C SER B 601 -1.08 16.73 9.31
N GLU B 602 -2.13 17.54 9.26
CA GLU B 602 -3.18 17.35 8.27
C GLU B 602 -2.70 17.68 6.86
N HIS B 603 -2.05 18.83 6.71
CA HIS B 603 -1.40 19.22 5.48
C HIS B 603 -0.55 18.10 4.89
N HIS B 604 0.16 17.36 5.74
CA HIS B 604 0.97 16.21 5.30
C HIS B 604 0.12 15.14 4.62
N HIS B 605 -1.10 14.99 5.09
CA HIS B 605 -2.04 14.06 4.50
C HIS B 605 -2.57 14.52 3.15
N GLU B 606 -2.77 15.83 3.04
CA GLU B 606 -3.06 16.48 1.76
C GLU B 606 -1.89 16.38 0.79
N PHE B 607 -0.68 16.49 1.33
CA PHE B 607 0.50 16.34 0.52
C PHE B 607 0.47 14.97 -0.13
N ARG B 608 0.34 13.93 0.69
CA ARG B 608 0.40 12.56 0.18
C ARG B 608 -0.68 12.37 -0.86
N LYS B 609 -1.89 12.82 -0.54
CA LYS B 609 -3.04 12.58 -1.39
C LYS B 609 -2.78 13.16 -2.78
N GLN B 610 -2.11 14.30 -2.82
CA GLN B 610 -1.79 14.99 -4.09
C GLN B 610 -0.88 14.18 -5.01
N CYS B 611 0.11 13.51 -4.41
CA CYS B 611 1.11 12.66 -5.08
C CYS B 611 0.48 11.47 -5.76
N TYR B 612 -0.45 10.82 -5.08
CA TYR B 612 -1.05 9.64 -5.66
C TYR B 612 -1.79 10.06 -6.91
N THR B 613 -2.63 11.10 -6.80
CA THR B 613 -3.46 11.49 -7.95
C THR B 613 -2.61 12.03 -9.10
N ALA B 614 -1.55 12.79 -8.77
CA ALA B 614 -0.64 13.24 -9.79
C ALA B 614 -0.12 12.02 -10.53
N TYR B 615 0.41 11.08 -9.76
CA TYR B 615 0.94 9.82 -10.26
C TYR B 615 -0.06 9.06 -11.11
N LEU B 616 -1.31 9.04 -10.68
CA LEU B 616 -2.33 8.30 -11.39
C LEU B 616 -2.61 8.93 -12.74
N HIS B 617 -2.62 10.26 -12.77
CA HIS B 617 -2.90 10.97 -13.99
C HIS B 617 -1.81 10.75 -15.00
N LEU B 618 -0.56 10.95 -14.57
CA LEU B 618 0.58 10.87 -15.48
C LEU B 618 0.68 9.48 -16.09
N ARG B 619 0.29 8.47 -15.29
CA ARG B 619 0.28 7.12 -15.78
C ARG B 619 -0.61 7.04 -17.02
N ARG B 620 -1.71 7.80 -17.01
CA ARG B 620 -2.72 7.75 -18.07
C ARG B 620 -2.15 8.27 -19.37
N HIS B 621 -1.15 9.12 -19.23
CA HIS B 621 -0.55 9.80 -20.35
C HIS B 621 0.86 9.30 -20.49
N ALA B 622 1.00 7.98 -20.40
CA ALA B 622 2.31 7.36 -20.51
C ALA B 622 2.79 7.43 -21.95
N ASN B 623 1.91 7.09 -22.88
CA ASN B 623 2.21 7.05 -24.30
C ASN B 623 3.02 8.26 -24.79
N VAL B 624 2.48 9.45 -24.58
CA VAL B 624 3.17 10.71 -24.87
C VAL B 624 4.62 10.70 -24.40
N MET B 625 4.87 10.45 -23.12
CA MET B 625 6.26 10.47 -22.61
C MET B 625 7.14 9.39 -23.22
N LEU B 626 6.62 8.17 -23.36
CA LEU B 626 7.43 7.05 -23.84
C LEU B 626 7.91 7.26 -25.28
N ASN B 627 7.04 7.78 -26.14
CA ASN B 627 7.42 8.17 -27.50
C ASN B 627 8.44 9.30 -27.52
N LEU B 628 8.23 10.29 -26.66
CA LEU B 628 9.16 11.41 -26.59
C LEU B 628 10.52 10.86 -26.22
N PHE B 629 10.57 9.99 -25.22
CA PHE B 629 11.85 9.44 -24.84
C PHE B 629 12.42 8.47 -25.87
N SER B 630 11.55 7.72 -26.55
CA SER B 630 12.05 6.85 -27.59
C SER B 630 12.84 7.66 -28.64
N LEU B 631 12.43 8.90 -28.88
CA LEU B 631 13.12 9.72 -29.86
C LEU B 631 14.41 10.33 -29.32
N MET B 632 14.62 10.17 -28.02
CA MET B 632 15.85 10.64 -27.37
C MET B 632 16.90 9.54 -27.20
N VAL B 633 16.74 8.39 -27.85
CA VAL B 633 17.72 7.33 -27.70
C VAL B 633 19.13 7.76 -28.10
N ASP B 634 19.26 8.36 -29.27
CA ASP B 634 20.57 8.71 -29.81
C ASP B 634 20.84 10.17 -29.53
N ALA B 635 20.60 10.55 -28.27
CA ALA B 635 20.38 11.95 -27.91
C ALA B 635 21.60 12.84 -27.68
N THR B 636 22.65 12.31 -27.06
CA THR B 636 23.85 13.12 -26.75
C THR B 636 23.79 13.74 -25.34
N VAL B 637 22.67 13.54 -24.65
CA VAL B 637 22.62 13.76 -23.21
C VAL B 637 23.55 12.71 -22.59
N PRO B 638 24.43 13.12 -21.65
CA PRO B 638 25.38 12.18 -21.04
C PRO B 638 24.77 10.90 -20.43
N ASP B 639 23.57 11.03 -19.83
CA ASP B 639 22.94 9.95 -19.05
C ASP B 639 22.08 8.97 -19.88
N ILE B 640 21.72 9.37 -21.10
CA ILE B 640 21.13 8.43 -22.05
C ILE B 640 22.29 7.67 -22.69
N ALA B 641 23.37 8.41 -23.00
CA ALA B 641 24.55 7.86 -23.65
C ALA B 641 25.16 6.67 -22.90
N LEU B 642 25.18 6.71 -21.55
CA LEU B 642 25.76 5.60 -20.78
C LEU B 642 25.10 4.26 -21.12
N GLU B 643 23.78 4.18 -20.96
CA GLU B 643 22.98 3.02 -21.40
C GLU B 643 21.74 3.43 -22.23
N PRO B 644 21.94 3.76 -23.53
CA PRO B 644 20.91 4.21 -24.48
C PRO B 644 19.72 3.27 -24.56
N ASP B 645 20.00 2.00 -24.81
CA ASP B 645 18.98 0.96 -24.83
C ASP B 645 18.07 0.99 -23.57
N LYS B 646 18.68 0.78 -22.39
CA LYS B 646 17.96 0.70 -21.12
C LYS B 646 17.32 2.01 -20.63
N ALA B 647 17.77 3.15 -21.17
CA ALA B 647 17.33 4.49 -20.76
C ALA B 647 15.81 4.70 -20.81
N VAL B 648 15.21 4.48 -21.97
CA VAL B 648 13.74 4.56 -22.12
C VAL B 648 13.02 3.57 -21.20
N LYS B 649 13.61 2.39 -21.04
CA LYS B 649 13.08 1.32 -20.18
C LYS B 649 12.93 1.69 -18.70
N LYS B 650 13.70 2.69 -18.25
CA LYS B 650 13.75 3.05 -16.84
C LYS B 650 12.58 3.94 -16.40
N VAL B 651 12.20 4.91 -17.24
CA VAL B 651 11.03 5.73 -16.94
C VAL B 651 9.81 4.80 -16.88
N GLU B 652 9.80 3.83 -17.79
CA GLU B 652 8.66 2.95 -17.97
C GLU B 652 8.41 2.08 -16.75
N GLU B 653 9.45 1.82 -15.97
CA GLU B 653 9.30 1.07 -14.73
C GLU B 653 8.72 1.95 -13.65
N ASN B 654 9.12 3.22 -13.62
CA ASN B 654 8.60 4.18 -12.65
C ASN B 654 7.11 4.35 -12.78
N LEU B 655 6.60 4.28 -14.01
CA LEU B 655 5.17 4.40 -14.25
C LEU B 655 4.43 3.14 -13.79
N GLN B 656 5.08 1.99 -13.87
CA GLN B 656 4.62 0.78 -13.21
C GLN B 656 3.26 0.39 -13.79
N LEU B 657 3.18 0.44 -15.10
CA LEU B 657 1.90 0.30 -15.76
C LEU B 657 1.33 -1.09 -15.57
N GLY B 658 2.19 -2.02 -15.17
CA GLY B 658 1.78 -3.37 -14.87
C GLY B 658 0.70 -3.37 -13.81
N LEU B 659 0.75 -2.38 -12.90
CA LEU B 659 -0.11 -2.42 -11.72
C LEU B 659 -1.42 -1.77 -12.02
N THR B 660 -2.50 -2.35 -11.51
CA THR B 660 -3.76 -1.62 -11.45
C THR B 660 -3.57 -0.49 -10.45
N ASP B 661 -4.52 0.43 -10.43
CA ASP B 661 -4.33 1.71 -9.76
C ASP B 661 -4.21 1.53 -8.25
N GLU B 662 -5.09 0.76 -7.63
CA GLU B 662 -4.94 0.48 -6.21
C GLU B 662 -3.50 0.05 -5.95
N GLU B 663 -2.98 -0.83 -6.81
CA GLU B 663 -1.64 -1.36 -6.65
C GLU B 663 -0.61 -0.28 -6.88
N ALA B 664 -0.84 0.53 -7.90
CA ALA B 664 0.07 1.59 -8.26
C ALA B 664 0.21 2.54 -7.10
N VAL B 665 -0.93 2.99 -6.57
CA VAL B 665 -0.95 3.90 -5.42
C VAL B 665 -0.18 3.27 -4.28
N GLN B 666 -0.46 2.00 -4.02
CA GLN B 666 0.14 1.29 -2.93
C GLN B 666 1.63 1.36 -3.09
N HIS B 667 2.10 0.97 -4.27
CA HIS B 667 3.52 0.91 -4.51
C HIS B 667 4.19 2.22 -4.15
N LEU B 668 3.52 3.31 -4.48
CA LEU B 668 4.06 4.66 -4.35
C LEU B 668 4.12 5.06 -2.90
N GLN B 669 3.05 4.75 -2.17
CA GLN B 669 2.98 4.95 -0.74
C GLN B 669 4.18 4.33 -0.09
N SER B 670 4.52 3.15 -0.56
CA SER B 670 5.64 2.41 -0.03
C SER B 670 6.92 3.24 -0.12
N LEU B 671 7.17 3.81 -1.30
CA LEU B 671 8.39 4.59 -1.56
C LEU B 671 8.43 5.77 -0.64
N LEU B 672 7.28 6.44 -0.47
CA LEU B 672 7.13 7.63 0.38
C LEU B 672 7.42 7.30 1.83
N ASP B 673 6.86 6.18 2.29
CA ASP B 673 7.08 5.69 3.66
C ASP B 673 8.55 5.51 3.92
N VAL B 674 9.25 4.81 3.04
CA VAL B 674 10.68 4.57 3.24
C VAL B 674 11.42 5.88 3.40
N SER B 675 11.18 6.77 2.45
CA SER B 675 11.94 7.99 2.32
C SER B 675 11.66 8.92 3.47
N ILE B 676 10.40 9.02 3.88
CA ILE B 676 10.04 9.85 5.04
C ILE B 676 10.65 9.38 6.38
N THR B 677 10.53 8.09 6.70
CA THR B 677 11.02 7.64 7.99
C THR B 677 12.51 7.88 8.02
N ALA B 678 13.18 7.58 6.89
CA ALA B 678 14.65 7.66 6.80
C ALA B 678 15.16 9.00 7.31
N VAL B 679 14.43 10.02 6.93
CA VAL B 679 14.72 11.39 7.28
C VAL B 679 14.35 11.76 8.72
N MET B 680 13.11 11.48 9.14
CA MET B 680 12.72 11.73 10.53
C MET B 680 13.56 10.94 11.55
N PRO B 681 13.98 11.60 12.64
CA PRO B 681 14.87 10.90 13.55
C PRO B 681 14.10 9.99 14.53
N ALA B 682 12.84 10.35 14.81
CA ALA B 682 11.93 9.67 15.74
C ALA B 682 11.30 8.42 15.14
N LEU B 683 11.10 8.43 13.82
CA LEU B 683 10.60 7.26 13.13
C LEU B 683 11.65 6.19 13.05
N VAL B 684 12.92 6.60 12.86
CA VAL B 684 14.07 5.70 12.90
C VAL B 684 14.27 5.04 14.27
N GLU B 685 14.05 5.82 15.33
CA GLU B 685 14.26 5.35 16.71
C GLU B 685 13.21 4.31 17.02
N GLN B 686 12.06 4.48 16.40
CA GLN B 686 10.97 3.54 16.55
C GLN B 686 11.22 2.23 15.78
N ILE B 687 11.86 2.32 14.61
CA ILE B 687 12.21 1.12 13.87
C ILE B 687 13.22 0.36 14.68
N HIS B 688 13.97 1.10 15.47
CA HIS B 688 15.02 0.57 16.31
C HIS B 688 14.43 -0.30 17.42
N ARG B 689 13.40 0.23 18.11
CA ARG B 689 12.77 -0.51 19.20
C ARG B 689 12.05 -1.75 18.69
N PHE B 690 11.48 -1.69 17.52
CA PHE B 690 10.82 -2.86 16.98
C PHE B 690 11.86 -3.96 16.75
N THR B 691 13.06 -3.55 16.33
CA THR B 691 14.15 -4.46 15.99
C THR B 691 14.49 -5.19 17.26
N GLN B 692 14.48 -4.43 18.35
CA GLN B 692 14.79 -4.89 19.69
C GLN B 692 13.86 -6.00 20.18
N TYR B 693 12.64 -6.03 19.65
CA TYR B 693 11.63 -6.93 20.16
C TYR B 693 11.92 -8.43 20.00
N TRP B 694 12.28 -8.89 18.81
CA TRP B 694 12.49 -10.33 18.56
C TRP B 694 13.77 -10.85 19.15
N ARG B 695 14.73 -9.92 19.16
CA ARG B 695 15.99 -10.02 19.82
C ARG B 695 15.70 -10.20 21.31
N LYS B 696 16.41 -11.12 21.97
CA LYS B 696 16.17 -11.45 23.40
C LYS B 696 16.57 -12.90 23.74
#